data_6VCD
#
_entry.id   6VCD
#
_cell.length_a   1.00
_cell.length_b   1.00
_cell.length_c   1.00
_cell.angle_alpha   90.00
_cell.angle_beta   90.00
_cell.angle_gamma   90.00
#
_symmetry.space_group_name_H-M   'P 1'
#
loop_
_entity.id
_entity.type
_entity.pdbx_description
1 polymer 'Iron-responsive element binding protein 2, isoform CRA_a'
2 polymer 'F-box/LRR-repeat protein 5'
3 polymer 'S-phase kinase-associated protein 1'
4 non-polymer 'FE2/S2 (INORGANIC) CLUSTER'
#
loop_
_entity_poly.entity_id
_entity_poly.type
_entity_poly.pdbx_seq_one_letter_code
_entity_poly.pdbx_strand_id
1 'polypeptide(L)'
;MDAPKAGYAFEYLIETLNDSSHKKFFDVSKLGTKYDVLPYSIRVLLEAAVRNCDGFLMKKEDVMNILDWKTKQSNVEVPF
FPARVLLQDFTGIPAMVDFAAMREAVKTLGGDPEKVHPACPTDLTVDHSLQIDFSKCAIQNAPNPGGGDLQKAGKLSPLK
VQPKKLPCRGQTTCRGSCDSGELGRNSGTFSSQIENTPILCPFHLQPVPEPETVLKNQEVEFGRNRERLQFFKWSSRVFK
NVAVIPPGTGMAHQINLEYLSRVVFEEKDLLFPDSVVGTDSHITMVNGLGILGWGVGGIETEAVMLGLPVSLTLPEVVGC
ELTGSSNPFVTSIDVVLGITKHLRQVGVAGKFVEFFGSGVSQLSIVDRTTIANMCPEYGAILSFFPVDNVTLKHLEHTGF
SKAKLESMETYLKAVKLFRNDQNSSGEPEYSQVIQINLNSIVPSVSGPKRPQDRVAVTDMKSDFQACLNEKVGFKGFQIA
AEKQKDIVSIHYEGSEYKLSHGSVVIAAVISCTNNCNPSVMLAAGLLAKKAVEAGLRVKPYIRTSLSPGSGMVTHYLSSS
GVLPYLSKLGFEIVGYGCSTCVGNTAPLSDAVLNAVKQGDLVTCGILSGNKNFEGRLCDCVRANYLASPPLVVAYAIAGT
VNIDFQTEPLGTDPTGKNIYLHDIWPSREEVHRVEEEHVILSMFKALKDKIEMGNKRWNSLEAPDSVLFPWDLKSTYIRC
PSFFDKLTKEPIALQAIENAHVLLYLGDSVTTDHISPAGSIARNSAAAKYLTNRGLTPREFNSYGARRGNDAVMTRGTFA
NIKLFNKFIGKPAPKTIHFPSGQTLDVFEAAELYQKEGIPLIILAGKKYGSGNSRDWAAKGPYLLGVKAVLAESYEKIHK
DHLIGIGIAPLQFLPGENADSLGLSGRETFSLTFPEELSPGITLNIQTSTGKVFSVIASFEDDVEITLYKHGGLLNFVAR
KFS
;
A
2 'polypeptide(L)'
;EHSTGITHLPPEVMLSIFSYLNPQELCRCSQVSMKWSQLTKTGSLWKHLYPVHWARGDWYSGPATELDTEPDDEWVKNRK
DESRAFHEWDEDADIDESEESAEESIAISIAQMEKRLLHGLIHNVLPYVGTSVKTLVLAYSSAVSSKMVRQILELCPNLE
HLDLTQTDISDSAFDSWSWLGCCQSLRHLDLSGCEKITDVALEKISRALGILTSHQSGFLKTSTSKITSTAWKNKDITMQ
STKQYACLHDLTNKGIGEEIDNEHPWTKPVSSENFTSPYVWMLDAEDLADIEDTVEWRHRNVESLCVMETASNFSCSTSG
CFSKDIVGLRTSVCWQQHCASPAFAYCGHSFCCTGTALRTMSSLPESSAMCRKAARTRLPRGKDLIYFGSEKSDQETGRV
LLFLSLSGCYQITDHGLRVLTLGGGLPYLEHLNLSGCLTITGAGLQDLVSACPSLNDEYFYYCDNINGPHADTASGCQNL
QCGFRACCRSGE
;
B
3 'polypeptide(L)'
;MPSIKLQSSDGEIFEVDVEIAKQSVTIKTMLEDLGMDDEGDDDPVPLPNVNAAILKKVIQWCTHHKDDPPPPEDDENKEK
RTDDIPVWDQEFLKVDQGTLFELILAANYLDIKGLLDVTCKTVANMIKGKTPEEIRKTFNIKNDFTEEEEAQVRKENQWC
EEK
;
C
#
# COMPACT_ATOMS: atom_id res chain seq x y z
N PHE A 10 -22.85 30.79 -22.03
CA PHE A 10 -23.80 29.79 -22.50
C PHE A 10 -25.13 29.96 -21.80
N GLU A 11 -25.44 31.19 -21.41
CA GLU A 11 -26.68 31.52 -20.73
C GLU A 11 -27.81 31.85 -21.69
N TYR A 12 -27.67 31.48 -22.96
CA TYR A 12 -28.70 31.73 -23.97
C TYR A 12 -29.37 30.46 -24.47
N LEU A 13 -28.99 29.29 -23.96
CA LEU A 13 -29.68 28.04 -24.26
C LEU A 13 -30.70 27.67 -23.20
N ILE A 14 -31.00 28.58 -22.27
CA ILE A 14 -31.88 28.27 -21.14
C ILE A 14 -33.30 28.42 -21.67
N GLU A 15 -33.87 27.31 -22.12
CA GLU A 15 -35.23 27.29 -22.62
C GLU A 15 -36.17 26.77 -21.55
N THR A 16 -37.38 27.31 -21.53
CA THR A 16 -38.39 26.85 -20.61
C THR A 16 -38.98 25.53 -21.09
N LEU A 17 -39.23 24.63 -20.14
CA LEU A 17 -39.88 23.36 -20.45
C LEU A 17 -41.32 23.64 -20.85
N ASN A 18 -42.07 22.58 -21.13
CA ASN A 18 -43.47 22.75 -21.49
C ASN A 18 -44.28 23.19 -20.27
N ASP A 19 -45.59 23.20 -20.41
CA ASP A 19 -46.48 23.79 -19.42
C ASP A 19 -46.70 22.88 -18.22
N SER A 20 -45.80 21.92 -17.97
CA SER A 20 -46.00 20.94 -16.89
C SER A 20 -46.22 21.65 -15.55
N SER A 21 -45.19 22.28 -14.98
CA SER A 21 -45.44 23.31 -13.97
C SER A 21 -44.77 24.64 -14.32
N HIS A 22 -43.44 24.73 -14.24
CA HIS A 22 -42.75 25.97 -14.56
C HIS A 22 -41.35 25.78 -15.12
N LYS A 23 -40.84 24.55 -15.22
CA LYS A 23 -39.40 24.31 -15.17
C LYS A 23 -38.65 24.91 -16.35
N LYS A 24 -37.38 25.21 -16.12
CA LYS A 24 -36.44 25.61 -17.16
C LYS A 24 -35.34 24.56 -17.26
N PHE A 25 -34.49 24.71 -18.28
CA PHE A 25 -33.37 23.80 -18.48
C PHE A 25 -32.45 24.37 -19.53
N PHE A 26 -31.23 23.85 -19.58
CA PHE A 26 -30.25 24.20 -20.60
C PHE A 26 -30.47 23.28 -21.79
N ASP A 27 -31.00 23.82 -22.88
CA ASP A 27 -31.24 23.03 -24.08
C ASP A 27 -29.95 22.90 -24.86
N VAL A 28 -29.20 21.82 -24.57
CA VAL A 28 -27.92 21.61 -25.23
C VAL A 28 -28.09 21.21 -26.69
N SER A 29 -29.30 20.79 -27.08
CA SER A 29 -29.53 20.36 -28.45
C SER A 29 -29.23 21.45 -29.46
N LYS A 30 -29.28 22.71 -29.03
CA LYS A 30 -29.02 23.85 -29.92
C LYS A 30 -27.54 24.15 -30.08
N LEU A 31 -26.66 23.21 -29.77
CA LEU A 31 -25.22 23.47 -29.86
C LEU A 31 -24.66 23.19 -31.24
N GLY A 32 -25.39 22.51 -32.10
CA GLY A 32 -24.96 22.30 -33.46
C GLY A 32 -25.42 20.95 -33.96
N THR A 33 -24.92 20.60 -35.15
CA THR A 33 -25.22 19.34 -35.80
C THR A 33 -24.27 18.22 -35.38
N LYS A 34 -23.48 18.43 -34.34
CA LYS A 34 -22.59 17.40 -33.81
C LYS A 34 -22.98 16.98 -32.40
N TYR A 35 -24.12 17.43 -31.90
CA TYR A 35 -24.61 16.99 -30.59
C TYR A 35 -25.45 15.73 -30.69
N ASP A 36 -26.22 15.56 -31.76
CA ASP A 36 -26.97 14.34 -31.96
C ASP A 36 -26.09 13.19 -32.39
N VAL A 37 -24.80 13.45 -32.60
CA VAL A 37 -23.83 12.42 -32.96
C VAL A 37 -23.10 11.86 -31.74
N LEU A 38 -22.93 12.65 -30.68
CA LEU A 38 -22.22 12.20 -29.49
C LEU A 38 -22.94 11.01 -28.85
N PRO A 39 -22.20 10.14 -28.17
CA PRO A 39 -22.84 9.10 -27.36
C PRO A 39 -23.68 9.71 -26.25
N TYR A 40 -24.49 8.87 -25.61
CA TYR A 40 -25.37 9.36 -24.56
C TYR A 40 -24.65 9.62 -23.25
N SER A 41 -23.38 9.24 -23.13
CA SER A 41 -22.61 9.51 -21.93
C SER A 41 -21.73 10.74 -22.06
N ILE A 42 -21.43 11.17 -23.28
CA ILE A 42 -20.75 12.45 -23.47
C ILE A 42 -21.75 13.59 -23.46
N ARG A 43 -23.02 13.32 -23.71
CA ARG A 43 -24.03 14.36 -23.60
C ARG A 43 -24.23 14.80 -22.15
N VAL A 44 -24.09 13.87 -21.21
CA VAL A 44 -24.16 14.25 -19.80
C VAL A 44 -22.98 15.13 -19.42
N LEU A 45 -21.78 14.79 -19.90
CA LEU A 45 -20.62 15.65 -19.68
C LEU A 45 -20.86 17.03 -20.25
N LEU A 46 -21.39 17.10 -21.48
CA LEU A 46 -21.60 18.40 -22.11
C LEU A 46 -22.67 19.21 -21.38
N GLU A 47 -23.72 18.55 -20.91
CA GLU A 47 -24.76 19.26 -20.17
C GLU A 47 -24.21 19.81 -18.86
N ALA A 48 -23.53 18.96 -18.09
CA ALA A 48 -22.94 19.43 -16.83
C ALA A 48 -21.89 20.50 -17.08
N ALA A 49 -21.27 20.51 -18.25
CA ALA A 49 -20.27 21.51 -18.57
C ALA A 49 -20.89 22.83 -19.03
N VAL A 50 -22.11 22.79 -19.56
CA VAL A 50 -22.66 24.00 -20.16
C VAL A 50 -23.35 24.88 -19.11
N ARG A 51 -23.79 24.31 -17.99
CA ARG A 51 -24.46 25.08 -16.95
C ARG A 51 -23.51 25.55 -15.86
N ASN A 52 -22.31 25.00 -15.79
CA ASN A 52 -21.30 25.44 -14.83
C ASN A 52 -20.19 26.23 -15.49
N CYS A 53 -20.36 26.62 -16.74
CA CYS A 53 -19.33 27.35 -17.48
C CYS A 53 -19.27 28.78 -16.96
N ASP A 54 -18.64 28.93 -15.81
CA ASP A 54 -18.51 30.21 -15.14
C ASP A 54 -17.28 31.00 -15.59
N GLY A 55 -16.44 30.43 -16.46
CA GLY A 55 -15.31 31.13 -17.01
C GLY A 55 -14.02 30.96 -16.27
N PHE A 56 -14.07 30.64 -14.97
CA PHE A 56 -12.85 30.45 -14.17
C PHE A 56 -12.52 28.97 -14.00
N LEU A 57 -13.43 28.19 -13.41
CA LEU A 57 -13.21 26.76 -13.27
C LEU A 57 -13.51 26.04 -14.57
N MET A 58 -14.75 26.13 -15.04
CA MET A 58 -15.17 25.57 -16.31
C MET A 58 -15.00 26.63 -17.39
N LYS A 59 -13.98 26.48 -18.21
CA LYS A 59 -13.76 27.44 -19.28
C LYS A 59 -14.79 27.26 -20.39
N LYS A 60 -14.88 28.25 -21.28
CA LYS A 60 -15.67 28.11 -22.49
C LYS A 60 -14.93 27.31 -23.55
N GLU A 61 -13.60 27.30 -23.51
CA GLU A 61 -12.80 26.45 -24.39
C GLU A 61 -12.86 24.98 -23.99
N ASP A 62 -13.57 24.64 -22.92
CA ASP A 62 -13.76 23.27 -22.50
C ASP A 62 -15.17 22.76 -22.76
N VAL A 63 -16.10 23.63 -23.11
CA VAL A 63 -17.42 23.20 -23.56
C VAL A 63 -17.40 22.86 -25.04
N MET A 64 -16.66 23.64 -25.83
CA MET A 64 -16.43 23.33 -27.23
C MET A 64 -15.33 22.33 -27.40
N ASN A 65 -15.00 21.65 -26.31
CA ASN A 65 -14.04 20.56 -26.28
C ASN A 65 -14.70 19.22 -25.96
N ILE A 66 -15.78 19.23 -25.19
CA ILE A 66 -16.61 18.05 -25.03
C ILE A 66 -17.62 17.95 -26.16
N LEU A 67 -17.83 19.03 -26.91
CA LEU A 67 -18.69 18.99 -28.09
C LEU A 67 -17.94 18.53 -29.32
N ASP A 68 -16.66 18.88 -29.42
CA ASP A 68 -15.79 18.35 -30.48
C ASP A 68 -15.22 17.00 -30.09
N TRP A 69 -16.08 16.09 -29.64
CA TRP A 69 -15.61 14.81 -29.11
C TRP A 69 -15.16 13.85 -30.19
N LYS A 70 -15.61 14.04 -31.44
CA LYS A 70 -15.23 13.11 -32.50
C LYS A 70 -13.74 13.15 -32.76
N THR A 71 -13.12 14.33 -32.65
CA THR A 71 -11.69 14.48 -32.90
C THR A 71 -10.88 14.74 -31.64
N LYS A 72 -11.51 15.16 -30.55
CA LYS A 72 -10.84 15.48 -29.30
C LYS A 72 -11.01 14.40 -28.25
N GLN A 73 -10.88 13.13 -28.64
CA GLN A 73 -10.94 12.02 -27.71
C GLN A 73 -9.64 11.96 -26.92
N SER A 74 -9.32 10.80 -26.36
CA SER A 74 -8.46 10.65 -25.18
C SER A 74 -7.28 11.62 -25.07
N ASN A 75 -6.87 12.22 -26.19
CA ASN A 75 -5.77 13.18 -26.17
C ASN A 75 -6.16 14.55 -25.60
N VAL A 76 -7.30 14.67 -24.92
CA VAL A 76 -7.71 15.94 -24.31
C VAL A 76 -8.35 15.66 -22.96
N GLU A 77 -8.11 16.55 -22.00
CA GLU A 77 -8.67 16.47 -20.66
C GLU A 77 -9.71 17.57 -20.44
N VAL A 78 -10.84 17.21 -19.83
CA VAL A 78 -11.90 18.17 -19.55
C VAL A 78 -12.37 18.01 -18.12
N PRO A 79 -12.89 19.06 -17.49
CA PRO A 79 -13.43 18.93 -16.13
C PRO A 79 -14.89 18.49 -16.16
N PHE A 80 -15.32 17.94 -15.02
CA PHE A 80 -16.67 17.43 -14.86
C PHE A 80 -17.25 17.96 -13.55
N PHE A 81 -18.43 18.57 -13.64
CA PHE A 81 -19.12 19.07 -12.46
C PHE A 81 -20.26 18.14 -12.08
N PRO A 82 -20.03 17.20 -11.17
CA PRO A 82 -21.10 16.27 -10.78
C PRO A 82 -22.28 17.00 -10.15
N ALA A 83 -23.41 16.31 -10.12
CA ALA A 83 -24.59 16.85 -9.47
C ALA A 83 -24.66 16.52 -7.99
N ARG A 84 -23.96 15.49 -7.55
CA ARG A 84 -23.91 15.14 -6.14
C ARG A 84 -22.63 14.35 -5.90
N VAL A 85 -22.42 13.94 -4.65
CA VAL A 85 -21.23 13.21 -4.23
C VAL A 85 -21.63 12.15 -3.23
N LEU A 86 -21.17 10.93 -3.45
CA LEU A 86 -21.34 9.86 -2.48
C LEU A 86 -20.07 9.73 -1.65
N LEU A 87 -20.25 9.43 -0.37
CA LEU A 87 -19.13 9.22 0.54
C LEU A 87 -19.42 7.97 1.35
N GLN A 88 -18.42 7.11 1.47
CA GLN A 88 -18.61 5.80 2.10
C GLN A 88 -18.63 5.95 3.61
N ASP A 89 -18.50 4.84 4.34
CA ASP A 89 -18.84 4.78 5.75
C ASP A 89 -18.35 6.00 6.55
N PHE A 90 -17.04 6.25 6.58
CA PHE A 90 -16.53 7.40 7.31
C PHE A 90 -15.50 8.18 6.53
N THR A 91 -15.43 7.99 5.21
CA THR A 91 -14.51 8.76 4.39
C THR A 91 -14.93 10.21 4.23
N GLY A 92 -16.06 10.60 4.79
CA GLY A 92 -16.51 11.98 4.78
C GLY A 92 -16.12 12.79 5.99
N ILE A 93 -15.55 12.15 7.01
CA ILE A 93 -15.13 12.88 8.20
C ILE A 93 -14.10 13.97 7.88
N PRO A 94 -13.01 13.70 7.16
CA PRO A 94 -12.06 14.78 6.88
C PRO A 94 -12.64 15.95 6.10
N ALA A 95 -13.80 15.78 5.47
CA ALA A 95 -14.45 16.87 4.75
C ALA A 95 -15.47 17.60 5.63
N MET A 96 -16.26 16.85 6.40
CA MET A 96 -17.23 17.49 7.27
C MET A 96 -16.56 18.20 8.43
N VAL A 97 -15.44 17.68 8.91
CA VAL A 97 -14.66 18.40 9.92
C VAL A 97 -14.06 19.67 9.34
N ASP A 98 -13.64 19.61 8.07
CA ASP A 98 -13.14 20.82 7.42
C ASP A 98 -14.22 21.87 7.26
N PHE A 99 -15.45 21.44 6.98
CA PHE A 99 -16.54 22.41 6.86
C PHE A 99 -16.95 22.95 8.22
N ALA A 100 -16.96 22.11 9.25
CA ALA A 100 -17.25 22.59 10.60
C ALA A 100 -16.18 23.55 11.09
N ALA A 101 -14.94 23.40 10.63
CA ALA A 101 -13.91 24.37 10.95
C ALA A 101 -14.02 25.63 10.10
N MET A 102 -14.47 25.49 8.85
CA MET A 102 -14.67 26.66 8.01
C MET A 102 -15.80 27.53 8.53
N ARG A 103 -16.80 26.92 9.16
CA ARG A 103 -17.85 27.70 9.80
C ARG A 103 -17.27 28.65 10.85
N GLU A 104 -16.39 28.14 11.70
CA GLU A 104 -15.77 28.97 12.72
C GLU A 104 -14.82 29.98 12.11
N ALA A 105 -14.09 29.60 11.07
CA ALA A 105 -13.16 30.52 10.43
C ALA A 105 -13.89 31.64 9.71
N VAL A 106 -15.11 31.39 9.24
CA VAL A 106 -15.92 32.44 8.63
C VAL A 106 -16.57 33.31 9.69
N LYS A 107 -16.99 32.69 10.80
CA LYS A 107 -17.50 33.49 11.91
C LYS A 107 -16.47 34.49 12.38
N THR A 108 -15.28 34.02 12.72
CA THR A 108 -14.25 34.94 13.19
C THR A 108 -13.56 35.60 12.01
N LEU A 109 -14.34 36.10 11.06
CA LEU A 109 -13.82 36.90 9.95
C LEU A 109 -14.78 37.99 9.51
N GLY A 110 -15.91 38.15 10.18
CA GLY A 110 -16.94 39.06 9.70
C GLY A 110 -17.77 38.45 8.59
N GLY A 111 -18.32 37.26 8.85
CA GLY A 111 -19.13 36.58 7.87
C GLY A 111 -20.22 35.77 8.54
N ASP A 112 -21.23 35.43 7.76
CA ASP A 112 -22.36 34.66 8.28
C ASP A 112 -21.98 33.18 8.32
N PRO A 113 -21.94 32.56 9.49
CA PRO A 113 -21.57 31.14 9.54
C PRO A 113 -22.71 30.23 9.13
N GLU A 114 -23.47 30.62 8.11
CA GLU A 114 -24.55 29.78 7.63
C GLU A 114 -24.59 29.67 6.11
N LYS A 115 -23.86 30.53 5.40
CA LYS A 115 -23.65 30.30 3.97
C LYS A 115 -22.72 29.11 3.73
N VAL A 116 -22.04 28.64 4.77
CA VAL A 116 -21.03 27.59 4.63
C VAL A 116 -21.76 26.26 4.50
N HIS A 117 -21.90 25.80 3.26
CA HIS A 117 -22.48 24.50 2.94
C HIS A 117 -21.65 23.88 1.84
N PRO A 118 -21.68 22.55 1.72
CA PRO A 118 -21.04 21.91 0.56
C PRO A 118 -21.67 22.39 -0.74
N ALA A 119 -20.85 22.44 -1.78
CA ALA A 119 -21.29 22.96 -3.07
C ALA A 119 -22.10 21.96 -3.89
N CYS A 120 -22.51 20.85 -3.29
CA CYS A 120 -23.29 19.84 -3.98
C CYS A 120 -23.86 18.85 -2.97
N PRO A 121 -25.07 18.34 -3.19
CA PRO A 121 -25.65 17.39 -2.23
C PRO A 121 -24.77 16.19 -1.98
N THR A 122 -24.33 16.03 -0.75
CA THR A 122 -23.58 14.84 -0.36
C THR A 122 -24.52 13.82 0.26
N ASP A 123 -24.09 12.56 0.25
CA ASP A 123 -24.85 11.47 0.84
C ASP A 123 -23.87 10.58 1.58
N LEU A 124 -23.91 10.65 2.91
CA LEU A 124 -22.95 9.95 3.75
C LEU A 124 -23.50 8.57 4.05
N THR A 125 -23.27 7.62 3.15
CA THR A 125 -23.72 6.25 3.34
C THR A 125 -22.81 5.58 4.35
N VAL A 126 -23.15 5.72 5.63
CA VAL A 126 -22.29 5.20 6.69
C VAL A 126 -22.39 3.68 6.82
N ASP A 127 -23.45 3.05 6.29
CA ASP A 127 -23.60 1.61 6.39
C ASP A 127 -22.99 0.88 5.21
N HIS A 128 -21.73 1.18 4.91
CA HIS A 128 -21.02 0.58 3.78
C HIS A 128 -19.64 0.17 4.24
N SER A 129 -18.84 -0.32 3.28
CA SER A 129 -17.49 -0.83 3.55
C SER A 129 -17.51 -1.91 4.63
N THR A 213 -22.15 -12.98 18.00
CA THR A 213 -20.90 -12.25 17.96
C THR A 213 -20.85 -11.33 16.74
N VAL A 214 -21.31 -11.86 15.60
CA VAL A 214 -21.41 -11.04 14.39
C VAL A 214 -22.28 -9.81 14.64
N LEU A 215 -23.27 -9.94 15.53
CA LEU A 215 -24.08 -8.81 15.94
C LEU A 215 -23.57 -8.18 17.23
N LYS A 216 -22.91 -8.96 18.10
CA LYS A 216 -22.36 -8.40 19.33
C LYS A 216 -21.22 -7.43 19.03
N ASN A 217 -20.51 -7.63 17.91
CA ASN A 217 -19.47 -6.69 17.52
C ASN A 217 -20.04 -5.36 17.04
N GLN A 218 -21.31 -5.34 16.62
CA GLN A 218 -21.90 -4.11 16.12
C GLN A 218 -22.08 -3.08 17.24
N GLU A 219 -22.47 -3.54 18.44
CA GLU A 219 -22.59 -2.62 19.56
C GLU A 219 -21.24 -2.01 19.94
N VAL A 220 -20.19 -2.83 19.91
CA VAL A 220 -18.87 -2.33 20.27
C VAL A 220 -18.35 -1.38 19.20
N GLU A 221 -18.63 -1.68 17.92
CA GLU A 221 -18.22 -0.78 16.85
C GLU A 221 -19.02 0.51 16.86
N PHE A 222 -20.24 0.47 17.38
CA PHE A 222 -21.01 1.70 17.55
C PHE A 222 -20.45 2.55 18.68
N GLY A 223 -20.28 1.94 19.86
CA GLY A 223 -19.65 2.62 20.97
C GLY A 223 -18.26 3.14 20.66
N ARG A 224 -17.57 2.51 19.70
CA ARG A 224 -16.28 3.00 19.26
C ARG A 224 -16.43 4.16 18.28
N ASN A 225 -17.35 4.04 17.33
CA ASN A 225 -17.66 5.10 16.37
C ASN A 225 -18.82 5.96 16.86
N ARG A 226 -18.73 6.49 18.08
CA ARG A 226 -19.82 7.29 18.61
C ARG A 226 -19.62 8.79 18.41
N GLU A 227 -18.40 9.28 18.62
CA GLU A 227 -18.16 10.70 18.39
C GLU A 227 -18.26 11.04 16.90
N ARG A 228 -17.82 10.14 16.03
CA ARG A 228 -17.89 10.41 14.60
C ARG A 228 -19.33 10.32 14.09
N LEU A 229 -20.11 9.38 14.62
CA LEU A 229 -21.53 9.34 14.27
C LEU A 229 -22.27 10.56 14.82
N GLN A 230 -21.88 11.03 16.00
CA GLN A 230 -22.47 12.27 16.52
C GLN A 230 -22.13 13.46 15.64
N PHE A 231 -20.90 13.51 15.13
CA PHE A 231 -20.52 14.58 14.23
C PHE A 231 -21.29 14.48 12.91
N PHE A 232 -21.49 13.26 12.41
CA PHE A 232 -22.29 13.10 11.20
C PHE A 232 -23.75 13.50 11.42
N LYS A 233 -24.30 13.19 12.59
CA LYS A 233 -25.65 13.63 12.89
C LYS A 233 -25.75 15.14 12.92
N TRP A 234 -24.82 15.80 13.60
CA TRP A 234 -24.79 17.26 13.59
C TRP A 234 -24.66 17.81 12.18
N SER A 235 -23.83 17.18 11.35
CA SER A 235 -23.58 17.70 10.02
C SER A 235 -24.79 17.50 9.10
N SER A 236 -25.53 16.40 9.30
CA SER A 236 -26.77 16.23 8.55
C SER A 236 -27.84 17.23 8.98
N ARG A 237 -27.90 17.53 10.29
CA ARG A 237 -28.86 18.52 10.76
C ARG A 237 -28.52 19.92 10.27
N VAL A 238 -27.24 20.25 10.17
CA VAL A 238 -26.83 21.64 10.00
C VAL A 238 -26.68 22.03 8.53
N PHE A 239 -26.02 21.21 7.73
CA PHE A 239 -25.79 21.55 6.33
C PHE A 239 -27.01 21.14 5.50
N LYS A 240 -27.44 22.03 4.60
CA LYS A 240 -28.65 21.79 3.84
C LYS A 240 -28.48 20.64 2.86
N ASN A 241 -27.33 20.54 2.21
CA ASN A 241 -27.12 19.51 1.20
C ASN A 241 -26.94 18.13 1.82
N VAL A 242 -26.19 18.05 2.92
CA VAL A 242 -25.73 16.77 3.44
C VAL A 242 -26.90 15.93 3.92
N ALA A 243 -26.83 14.63 3.64
CA ALA A 243 -27.77 13.64 4.13
C ALA A 243 -27.01 12.39 4.51
N VAL A 244 -27.51 11.69 5.54
CA VAL A 244 -26.79 10.57 6.11
C VAL A 244 -27.72 9.36 6.14
N ILE A 245 -27.21 8.22 5.68
CA ILE A 245 -27.91 6.94 5.80
C ILE A 245 -27.29 6.21 7.00
N PRO A 246 -28.01 6.07 8.11
CA PRO A 246 -27.40 5.60 9.35
C PRO A 246 -26.90 4.17 9.23
N PRO A 247 -25.96 3.76 10.08
CA PRO A 247 -25.49 2.37 10.06
C PRO A 247 -26.61 1.40 10.42
N GLY A 248 -26.85 0.44 9.54
CA GLY A 248 -27.94 -0.49 9.68
C GLY A 248 -29.10 -0.13 8.77
N THR A 249 -29.18 -0.80 7.63
CA THR A 249 -30.22 -0.58 6.63
C THR A 249 -30.30 -1.84 5.78
N GLY A 250 -31.07 -1.79 4.69
CA GLY A 250 -31.25 -2.96 3.85
C GLY A 250 -30.59 -2.91 2.48
N MET A 251 -29.49 -3.63 2.31
CA MET A 251 -28.79 -4.23 3.44
C MET A 251 -27.34 -3.79 3.45
N ALA A 252 -26.69 -3.83 2.29
CA ALA A 252 -25.31 -3.35 2.22
C ALA A 252 -25.13 -2.19 1.25
N HIS A 253 -25.42 -2.41 -0.04
CA HIS A 253 -25.05 -1.42 -1.05
C HIS A 253 -26.02 -1.27 -2.21
N GLN A 254 -27.13 -2.02 -2.24
CA GLN A 254 -27.80 -2.17 -3.53
C GLN A 254 -28.93 -1.16 -3.73
N ILE A 255 -29.94 -1.19 -2.86
CA ILE A 255 -31.08 -0.30 -3.03
C ILE A 255 -30.94 1.00 -2.25
N ASN A 256 -29.88 1.14 -1.46
CA ASN A 256 -29.58 2.43 -0.83
C ASN A 256 -29.14 3.42 -1.89
N LEU A 257 -28.44 2.94 -2.91
CA LEU A 257 -27.99 3.81 -3.99
C LEU A 257 -29.11 4.09 -4.99
N GLU A 258 -30.10 3.21 -5.09
CA GLU A 258 -31.27 3.49 -5.91
C GLU A 258 -32.30 4.33 -5.19
N TYR A 259 -32.24 4.37 -3.86
CA TYR A 259 -33.12 5.27 -3.10
C TYR A 259 -32.63 6.71 -3.17
N LEU A 260 -31.32 6.92 -3.31
CA LEU A 260 -30.77 8.26 -3.45
C LEU A 260 -30.79 8.75 -4.89
N SER A 261 -31.19 7.90 -5.84
CA SER A 261 -31.18 8.29 -7.24
C SER A 261 -32.31 9.27 -7.53
N ARG A 262 -31.97 10.38 -8.17
CA ARG A 262 -32.90 11.46 -8.45
C ARG A 262 -32.73 11.90 -9.91
N VAL A 263 -32.87 10.93 -10.81
CA VAL A 263 -32.27 10.92 -12.15
C VAL A 263 -32.29 12.27 -12.84
N VAL A 264 -33.32 13.07 -12.60
CA VAL A 264 -33.39 14.44 -13.09
C VAL A 264 -33.41 15.36 -11.88
N PHE A 265 -32.46 16.28 -11.82
CA PHE A 265 -32.32 17.17 -10.67
C PHE A 265 -33.24 18.37 -10.78
N GLU A 266 -33.56 18.93 -9.61
CA GLU A 266 -34.26 20.22 -9.51
C GLU A 266 -33.47 21.10 -8.56
N GLU A 267 -32.98 22.23 -9.05
CA GLU A 267 -32.23 23.18 -8.23
C GLU A 267 -32.56 24.59 -8.72
N LYS A 268 -33.50 25.25 -8.06
CA LYS A 268 -33.93 26.60 -8.39
C LYS A 268 -34.53 26.66 -9.80
N ASP A 269 -35.56 25.84 -10.02
CA ASP A 269 -36.29 25.77 -11.28
C ASP A 269 -35.41 25.35 -12.45
N LEU A 270 -34.25 24.79 -12.19
CA LEU A 270 -33.40 24.21 -13.21
C LEU A 270 -33.54 22.70 -13.24
N LEU A 271 -33.30 22.12 -14.41
CA LEU A 271 -33.29 20.68 -14.60
C LEU A 271 -31.97 20.29 -15.22
N PHE A 272 -31.34 19.24 -14.70
CA PHE A 272 -30.10 18.72 -15.26
C PHE A 272 -29.98 17.27 -14.86
N PRO A 273 -29.20 16.47 -15.59
CA PRO A 273 -29.09 15.04 -15.27
C PRO A 273 -28.22 14.77 -14.05
N ASP A 274 -28.41 13.61 -13.45
CA ASP A 274 -27.72 13.20 -12.23
C ASP A 274 -26.29 12.77 -12.55
N SER A 275 -25.43 12.85 -11.52
CA SER A 275 -24.01 12.49 -11.60
C SER A 275 -23.49 12.40 -10.17
N VAL A 276 -22.76 11.33 -9.86
CA VAL A 276 -22.65 10.88 -8.48
C VAL A 276 -21.22 10.61 -8.03
N VAL A 277 -20.19 11.13 -8.70
CA VAL A 277 -18.83 10.70 -8.40
C VAL A 277 -18.56 10.77 -6.90
N GLY A 278 -17.86 9.77 -6.39
CA GLY A 278 -17.63 9.69 -4.95
C GLY A 278 -16.71 8.55 -4.59
N THR A 279 -16.63 8.27 -3.29
CA THR A 279 -15.79 7.21 -2.77
C THR A 279 -16.57 5.96 -2.40
N ASP A 280 -17.76 5.79 -2.95
CA ASP A 280 -18.50 4.56 -2.72
C ASP A 280 -17.95 3.46 -3.62
N SER A 281 -17.87 2.25 -3.09
CA SER A 281 -17.28 1.15 -3.84
C SER A 281 -18.21 0.62 -4.91
N HIS A 282 -19.51 0.68 -4.68
CA HIS A 282 -20.51 0.25 -5.65
C HIS A 282 -21.15 1.45 -6.35
N ILE A 283 -20.35 2.48 -6.59
CA ILE A 283 -20.88 3.72 -7.13
C ILE A 283 -21.13 3.64 -8.62
N THR A 284 -20.49 2.69 -9.31
CA THR A 284 -20.76 2.47 -10.72
C THR A 284 -22.10 1.82 -10.97
N MET A 285 -22.71 1.23 -9.93
CA MET A 285 -24.01 0.60 -10.07
C MET A 285 -25.07 1.57 -10.60
N VAL A 286 -24.93 2.86 -10.28
CA VAL A 286 -25.90 3.85 -10.73
C VAL A 286 -25.86 4.07 -12.23
N ASN A 287 -24.85 3.55 -12.92
CA ASN A 287 -24.77 3.75 -14.36
C ASN A 287 -25.81 2.92 -15.10
N GLY A 288 -26.22 1.80 -14.54
CA GLY A 288 -27.22 0.96 -15.17
C GLY A 288 -28.62 1.51 -14.99
N LEU A 289 -28.70 2.81 -14.69
CA LEU A 289 -29.99 3.46 -14.50
C LEU A 289 -30.02 4.82 -15.17
N GLY A 290 -29.01 5.16 -15.97
CA GLY A 290 -28.98 6.42 -16.66
C GLY A 290 -28.27 7.53 -15.94
N ILE A 291 -27.43 7.22 -14.97
CA ILE A 291 -26.77 8.20 -14.12
C ILE A 291 -25.27 8.07 -14.32
N LEU A 292 -24.66 9.04 -14.97
CA LEU A 292 -23.23 9.03 -15.25
C LEU A 292 -22.47 9.26 -13.96
N GLY A 293 -21.95 8.19 -13.36
CA GLY A 293 -21.17 8.34 -12.15
C GLY A 293 -20.11 7.28 -11.97
N TRP A 294 -18.87 7.68 -11.74
CA TRP A 294 -17.78 6.77 -11.45
C TRP A 294 -17.22 7.07 -10.06
N GLY A 295 -16.12 6.41 -9.72
CA GLY A 295 -15.53 6.50 -8.39
C GLY A 295 -14.23 7.29 -8.43
N VAL A 296 -14.03 8.12 -7.41
CA VAL A 296 -12.81 8.87 -7.22
C VAL A 296 -12.36 8.71 -5.77
N GLY A 297 -11.21 9.28 -5.44
CA GLY A 297 -10.68 9.18 -4.10
C GLY A 297 -11.35 10.14 -3.14
N GLY A 298 -10.90 10.09 -1.89
CA GLY A 298 -11.49 10.95 -0.88
C GLY A 298 -11.17 12.41 -1.08
N ILE A 299 -9.96 12.71 -1.55
CA ILE A 299 -9.57 14.10 -1.75
C ILE A 299 -10.35 14.72 -2.90
N GLU A 300 -10.66 13.94 -3.93
CA GLU A 300 -11.39 14.51 -5.07
C GLU A 300 -12.84 14.82 -4.70
N THR A 301 -13.47 13.98 -3.90
CA THR A 301 -14.80 14.30 -3.41
C THR A 301 -14.75 15.51 -2.48
N GLU A 302 -13.80 15.51 -1.53
CA GLU A 302 -13.65 16.63 -0.63
C GLU A 302 -13.39 17.93 -1.39
N ALA A 303 -12.84 17.84 -2.60
CA ALA A 303 -12.61 19.01 -3.43
C ALA A 303 -13.76 19.30 -4.38
N VAL A 304 -14.67 18.35 -4.60
CA VAL A 304 -15.86 18.65 -5.37
C VAL A 304 -16.92 19.31 -4.50
N MET A 305 -16.97 18.93 -3.22
CA MET A 305 -17.81 19.63 -2.26
C MET A 305 -17.36 21.05 -2.00
N LEU A 306 -16.18 21.43 -2.48
CA LEU A 306 -15.66 22.78 -2.33
C LEU A 306 -15.73 23.59 -3.61
N GLY A 307 -16.35 23.05 -4.66
CA GLY A 307 -16.56 23.78 -5.89
C GLY A 307 -15.69 23.36 -7.05
N LEU A 308 -14.58 22.66 -6.80
CA LEU A 308 -13.72 22.22 -7.88
C LEU A 308 -14.33 21.04 -8.63
N PRO A 309 -14.13 20.97 -9.94
CA PRO A 309 -14.65 19.86 -10.73
C PRO A 309 -13.67 18.71 -10.85
N VAL A 310 -14.24 17.51 -11.02
CA VAL A 310 -13.43 16.32 -11.28
C VAL A 310 -12.80 16.44 -12.65
N SER A 311 -11.50 16.20 -12.73
CA SER A 311 -10.80 16.21 -14.01
C SER A 311 -10.91 14.85 -14.66
N LEU A 312 -10.87 14.85 -15.99
CA LEU A 312 -11.14 13.65 -16.76
C LEU A 312 -10.67 13.85 -18.19
N THR A 313 -10.00 12.85 -18.75
CA THR A 313 -9.68 12.86 -20.15
C THR A 313 -10.86 12.34 -20.96
N LEU A 314 -11.07 12.90 -22.15
CA LEU A 314 -12.20 12.49 -22.97
C LEU A 314 -12.14 10.99 -23.21
N PRO A 315 -13.06 10.22 -22.64
CA PRO A 315 -12.99 8.78 -22.80
C PRO A 315 -13.28 8.36 -24.24
N GLU A 316 -12.94 7.11 -24.53
CA GLU A 316 -13.40 6.48 -25.76
C GLU A 316 -14.68 5.72 -25.45
N VAL A 317 -15.69 5.91 -26.26
CA VAL A 317 -16.96 5.22 -26.08
C VAL A 317 -16.98 4.02 -27.02
N VAL A 318 -17.37 2.87 -26.49
CA VAL A 318 -17.23 1.59 -27.16
C VAL A 318 -18.63 1.02 -27.35
N GLY A 319 -19.57 1.89 -27.73
CA GLY A 319 -20.98 1.56 -27.72
C GLY A 319 -21.30 0.17 -28.22
N CYS A 320 -21.80 -0.66 -27.31
CA CYS A 320 -21.95 -2.09 -27.55
C CYS A 320 -23.37 -2.38 -28.02
N GLU A 321 -23.55 -2.48 -29.33
CA GLU A 321 -24.85 -2.81 -29.88
C GLU A 321 -25.27 -4.20 -29.40
N LEU A 322 -26.50 -4.28 -28.91
CA LEU A 322 -26.99 -5.48 -28.23
C LEU A 322 -28.40 -5.74 -28.77
N THR A 323 -28.47 -6.54 -29.83
CA THR A 323 -29.71 -6.75 -30.56
C THR A 323 -30.20 -8.18 -30.40
N GLY A 324 -31.45 -8.40 -30.83
CA GLY A 324 -32.03 -9.71 -30.82
C GLY A 324 -32.55 -10.16 -29.47
N SER A 325 -33.62 -10.93 -29.47
CA SER A 325 -34.14 -11.50 -28.24
C SER A 325 -33.36 -12.75 -27.85
N SER A 326 -33.14 -12.92 -26.55
CA SER A 326 -32.38 -14.05 -26.05
C SER A 326 -33.14 -15.36 -26.29
N ASN A 327 -32.49 -16.47 -25.93
CA ASN A 327 -33.06 -17.79 -26.13
C ASN A 327 -34.16 -18.07 -25.10
N PRO A 328 -35.08 -18.97 -25.42
CA PRO A 328 -36.24 -19.19 -24.53
C PRO A 328 -35.89 -19.68 -23.14
N PHE A 329 -34.67 -20.20 -22.91
CA PHE A 329 -34.23 -20.60 -21.57
C PHE A 329 -32.82 -20.09 -21.34
N VAL A 330 -32.71 -18.86 -20.86
CA VAL A 330 -31.47 -18.30 -20.33
C VAL A 330 -31.82 -17.54 -19.06
N THR A 331 -30.88 -17.50 -18.11
CA THR A 331 -31.10 -16.76 -16.89
C THR A 331 -30.54 -15.35 -17.01
N SER A 332 -30.67 -14.57 -15.95
CA SER A 332 -30.12 -13.22 -15.96
C SER A 332 -28.60 -13.25 -15.83
N ILE A 333 -28.09 -14.06 -14.90
CA ILE A 333 -26.65 -14.14 -14.70
C ILE A 333 -25.96 -14.72 -15.93
N ASP A 334 -26.65 -15.57 -16.69
CA ASP A 334 -26.06 -16.11 -17.91
C ASP A 334 -25.84 -15.02 -18.95
N VAL A 335 -26.86 -14.21 -19.22
CA VAL A 335 -26.73 -13.12 -20.18
C VAL A 335 -25.71 -12.10 -19.68
N VAL A 336 -25.72 -11.84 -18.37
CA VAL A 336 -24.78 -10.89 -17.79
C VAL A 336 -23.35 -11.34 -18.03
N LEU A 337 -23.05 -12.60 -17.71
CA LEU A 337 -21.69 -13.11 -17.92
C LEU A 337 -21.36 -13.25 -19.40
N GLY A 338 -22.36 -13.49 -20.25
CA GLY A 338 -22.09 -13.51 -21.68
C GLY A 338 -21.64 -12.16 -22.21
N ILE A 339 -22.36 -11.09 -21.85
CA ILE A 339 -21.96 -9.76 -22.27
C ILE A 339 -20.62 -9.38 -21.65
N THR A 340 -20.40 -9.74 -20.38
CA THR A 340 -19.14 -9.43 -19.73
C THR A 340 -17.97 -10.15 -20.40
N LYS A 341 -18.17 -11.42 -20.77
CA LYS A 341 -17.11 -12.17 -21.43
C LYS A 341 -16.84 -11.63 -22.83
N HIS A 342 -17.89 -11.23 -23.55
CA HIS A 342 -17.67 -10.65 -24.87
C HIS A 342 -16.96 -9.31 -24.78
N LEU A 343 -17.19 -8.55 -23.71
CA LEU A 343 -16.51 -7.27 -23.56
C LEU A 343 -15.09 -7.42 -23.02
N ARG A 344 -14.81 -8.48 -22.26
CA ARG A 344 -13.47 -8.66 -21.72
C ARG A 344 -12.48 -9.04 -22.82
N GLN A 345 -12.90 -9.89 -23.77
CA GLN A 345 -11.99 -10.35 -24.80
C GLN A 345 -11.65 -9.26 -25.80
N VAL A 346 -12.57 -8.34 -26.08
CA VAL A 346 -12.27 -7.25 -27.00
C VAL A 346 -11.35 -6.22 -26.36
N GLY A 347 -11.27 -6.19 -25.02
CA GLY A 347 -10.30 -5.36 -24.35
C GLY A 347 -10.66 -3.89 -24.22
N VAL A 348 -11.72 -3.61 -23.47
CA VAL A 348 -12.10 -2.23 -23.17
C VAL A 348 -11.39 -1.81 -21.88
N ALA A 349 -10.32 -1.03 -22.02
CA ALA A 349 -9.49 -0.63 -20.90
C ALA A 349 -9.50 0.89 -20.80
N GLY A 350 -10.10 1.41 -19.73
CA GLY A 350 -10.15 2.85 -19.54
C GLY A 350 -10.96 3.55 -20.60
N LYS A 351 -12.21 3.14 -20.78
CA LYS A 351 -13.05 3.70 -21.83
C LYS A 351 -14.51 3.42 -21.49
N PHE A 352 -15.38 4.32 -21.95
CA PHE A 352 -16.81 4.20 -21.68
C PHE A 352 -17.41 3.11 -22.56
N VAL A 353 -18.35 2.35 -21.99
CA VAL A 353 -18.90 1.18 -22.65
C VAL A 353 -20.42 1.33 -22.78
N GLU A 354 -20.88 2.54 -23.05
CA GLU A 354 -22.30 2.82 -23.26
C GLU A 354 -22.97 1.73 -24.09
N PHE A 355 -24.14 1.30 -23.63
CA PHE A 355 -24.90 0.24 -24.29
C PHE A 355 -26.03 0.83 -25.12
N PHE A 356 -26.31 0.21 -26.26
CA PHE A 356 -27.39 0.65 -27.12
C PHE A 356 -27.81 -0.52 -28.00
N GLY A 357 -28.90 -0.31 -28.75
CA GLY A 357 -29.44 -1.32 -29.62
C GLY A 357 -30.92 -1.49 -29.36
N SER A 358 -31.48 -2.58 -29.92
CA SER A 358 -32.89 -2.89 -29.74
C SER A 358 -33.14 -4.01 -28.75
N GLY A 359 -32.10 -4.72 -28.32
CA GLY A 359 -32.25 -5.72 -27.29
C GLY A 359 -31.97 -5.22 -25.90
N VAL A 360 -31.57 -3.95 -25.75
CA VAL A 360 -31.37 -3.37 -24.43
C VAL A 360 -32.68 -3.33 -23.67
N SER A 361 -33.80 -3.22 -24.37
CA SER A 361 -35.10 -3.25 -23.73
C SER A 361 -35.42 -4.61 -23.11
N GLN A 362 -34.65 -5.65 -23.43
CA GLN A 362 -34.83 -6.94 -22.78
C GLN A 362 -34.10 -7.01 -21.44
N LEU A 363 -33.09 -6.18 -21.24
CA LEU A 363 -32.36 -6.14 -19.97
C LEU A 363 -33.15 -5.33 -18.96
N SER A 364 -33.50 -5.97 -17.84
CA SER A 364 -34.15 -5.26 -16.76
C SER A 364 -33.13 -4.39 -16.02
N ILE A 365 -33.64 -3.47 -15.20
CA ILE A 365 -32.77 -2.54 -14.49
C ILE A 365 -31.87 -3.29 -13.52
N VAL A 366 -32.37 -4.39 -12.95
CA VAL A 366 -31.54 -5.21 -12.07
C VAL A 366 -30.42 -5.87 -12.85
N ASP A 367 -30.59 -6.02 -14.17
CA ASP A 367 -29.53 -6.59 -14.99
C ASP A 367 -28.57 -5.51 -15.49
N ARG A 368 -29.10 -4.33 -15.83
CA ARG A 368 -28.23 -3.23 -16.24
C ARG A 368 -27.33 -2.80 -15.09
N THR A 369 -27.87 -2.74 -13.87
CA THR A 369 -27.04 -2.39 -12.73
C THR A 369 -25.97 -3.45 -12.47
N THR A 370 -26.28 -4.72 -12.73
CA THR A 370 -25.29 -5.76 -12.56
C THR A 370 -24.18 -5.65 -13.59
N ILE A 371 -24.55 -5.41 -14.86
CA ILE A 371 -23.54 -5.23 -15.89
C ILE A 371 -22.70 -3.99 -15.63
N ALA A 372 -23.29 -2.98 -14.98
CA ALA A 372 -22.54 -1.75 -14.68
C ALA A 372 -21.59 -1.94 -13.50
N ASN A 373 -22.04 -2.63 -12.47
CA ASN A 373 -21.26 -2.88 -11.27
C ASN A 373 -20.05 -3.76 -11.52
N MET A 374 -19.86 -4.27 -12.73
CA MET A 374 -18.76 -5.16 -13.06
C MET A 374 -17.83 -4.53 -14.08
N CYS A 375 -17.57 -3.24 -13.92
CA CYS A 375 -16.64 -2.52 -14.78
C CYS A 375 -15.18 -2.95 -14.56
N PRO A 376 -14.73 -3.17 -13.31
CA PRO A 376 -13.34 -3.64 -13.14
C PRO A 376 -13.09 -5.04 -13.69
N GLU A 377 -14.15 -5.82 -13.94
CA GLU A 377 -13.95 -7.14 -14.52
C GLU A 377 -13.52 -7.07 -15.97
N TYR A 378 -14.23 -6.32 -16.81
CA TYR A 378 -13.76 -6.09 -18.16
C TYR A 378 -12.93 -4.80 -18.27
N GLY A 379 -12.50 -4.25 -17.14
CA GLY A 379 -11.51 -3.19 -17.13
C GLY A 379 -11.96 -1.85 -17.64
N ALA A 380 -13.25 -1.54 -17.57
CA ALA A 380 -13.76 -0.28 -18.09
C ALA A 380 -13.94 0.75 -16.97
N ILE A 381 -14.15 1.99 -17.37
CA ILE A 381 -14.47 3.04 -16.42
C ILE A 381 -15.95 3.02 -16.09
N LEU A 382 -16.80 2.95 -17.12
CA LEU A 382 -18.24 2.98 -16.97
C LEU A 382 -18.87 2.05 -17.99
N SER A 383 -20.15 1.72 -17.75
CA SER A 383 -20.98 1.04 -18.73
C SER A 383 -22.33 1.73 -18.67
N PHE A 384 -22.50 2.77 -19.49
CA PHE A 384 -23.67 3.62 -19.40
C PHE A 384 -24.86 3.00 -20.12
N PHE A 385 -25.94 2.80 -19.37
CA PHE A 385 -27.22 2.39 -19.95
C PHE A 385 -28.14 3.61 -19.97
N PRO A 386 -28.29 4.28 -21.12
CA PRO A 386 -29.05 5.53 -21.14
C PRO A 386 -30.47 5.35 -20.64
N VAL A 387 -31.11 6.48 -20.33
CA VAL A 387 -32.45 6.44 -19.75
C VAL A 387 -33.46 6.11 -20.84
N ASP A 388 -34.20 5.02 -20.66
CA ASP A 388 -35.22 4.61 -21.62
C ASP A 388 -36.52 4.32 -20.91
N ASN A 389 -37.49 3.74 -21.62
CA ASN A 389 -38.81 3.53 -21.03
C ASN A 389 -38.75 2.52 -19.87
N VAL A 390 -37.80 1.59 -19.91
CA VAL A 390 -37.68 0.63 -18.81
C VAL A 390 -37.21 1.32 -17.54
N THR A 391 -36.28 2.28 -17.68
CA THR A 391 -35.82 3.03 -16.52
C THR A 391 -36.97 3.76 -15.84
N LEU A 392 -37.84 4.39 -16.63
CA LEU A 392 -38.94 5.15 -16.05
C LEU A 392 -40.03 4.22 -15.52
N LYS A 393 -40.26 3.07 -16.15
CA LYS A 393 -41.20 2.12 -15.59
C LYS A 393 -40.67 1.52 -14.29
N HIS A 394 -39.35 1.56 -14.09
CA HIS A 394 -38.77 1.16 -12.81
C HIS A 394 -38.93 2.27 -11.77
N LEU A 395 -38.68 3.51 -12.18
CA LEU A 395 -38.83 4.64 -11.27
C LEU A 395 -40.27 4.79 -10.80
N GLU A 396 -41.23 4.58 -11.69
CA GLU A 396 -42.64 4.61 -11.30
C GLU A 396 -42.92 3.63 -10.18
N HIS A 397 -42.33 2.44 -10.25
CA HIS A 397 -42.54 1.44 -9.22
C HIS A 397 -41.87 1.84 -7.91
N THR A 398 -40.58 2.20 -7.98
CA THR A 398 -39.83 2.42 -6.74
C THR A 398 -40.36 3.60 -5.93
N GLY A 399 -40.16 4.83 -6.41
CA GLY A 399 -40.49 5.96 -5.58
C GLY A 399 -41.34 7.08 -6.14
N PHE A 400 -41.31 7.27 -7.46
CA PHE A 400 -41.70 8.57 -8.00
C PHE A 400 -43.17 8.62 -8.38
N SER A 401 -43.68 9.83 -8.48
CA SER A 401 -45.06 10.09 -8.86
C SER A 401 -45.14 10.44 -10.35
N LYS A 402 -46.38 10.43 -10.88
CA LYS A 402 -46.57 10.65 -12.30
C LYS A 402 -46.24 12.09 -12.69
N ALA A 403 -46.65 13.05 -11.88
CA ALA A 403 -46.38 14.46 -12.18
C ALA A 403 -44.90 14.75 -12.27
N LYS A 404 -44.05 13.89 -11.71
CA LYS A 404 -42.61 14.02 -11.83
C LYS A 404 -42.07 13.24 -13.03
N LEU A 405 -42.63 12.07 -13.29
CA LEU A 405 -42.14 11.25 -14.40
C LEU A 405 -42.48 11.86 -15.75
N GLU A 406 -43.61 12.56 -15.87
CA GLU A 406 -43.90 13.24 -17.13
C GLU A 406 -42.91 14.38 -17.37
N SER A 407 -42.55 15.12 -16.32
CA SER A 407 -41.55 16.17 -16.48
C SER A 407 -40.19 15.59 -16.80
N MET A 408 -39.86 14.43 -16.21
CA MET A 408 -38.60 13.76 -16.52
C MET A 408 -38.58 13.33 -17.99
N GLU A 409 -39.67 12.73 -18.46
CA GLU A 409 -39.78 12.37 -19.87
C GLU A 409 -39.57 13.59 -20.76
N THR A 410 -40.27 14.68 -20.46
CA THR A 410 -40.20 15.85 -21.30
C THR A 410 -38.79 16.44 -21.33
N TYR A 411 -38.12 16.47 -20.18
CA TYR A 411 -36.77 17.01 -20.14
C TYR A 411 -35.80 16.10 -20.89
N LEU A 412 -35.81 14.80 -20.60
CA LEU A 412 -34.87 13.89 -21.21
C LEU A 412 -35.08 13.76 -22.70
N LYS A 413 -36.30 14.01 -23.18
CA LYS A 413 -36.55 13.99 -24.62
C LYS A 413 -36.21 15.32 -25.27
N ALA A 414 -36.39 16.44 -24.55
CA ALA A 414 -36.08 17.74 -25.11
C ALA A 414 -34.58 18.01 -25.16
N VAL A 415 -33.78 17.25 -24.40
CA VAL A 415 -32.33 17.42 -24.39
C VAL A 415 -31.62 16.24 -25.03
N LYS A 416 -32.37 15.26 -25.55
CA LYS A 416 -31.85 14.11 -26.29
C LYS A 416 -31.07 13.16 -25.38
N LEU A 417 -31.45 13.06 -24.11
CA LEU A 417 -30.92 12.05 -23.21
C LEU A 417 -31.83 10.85 -23.09
N PHE A 418 -32.91 10.81 -23.86
CA PHE A 418 -33.84 9.69 -23.85
C PHE A 418 -33.60 8.83 -25.07
N ARG A 419 -33.42 7.53 -24.84
CA ARG A 419 -33.12 6.57 -25.91
C ARG A 419 -34.38 5.77 -26.20
N ASN A 420 -35.08 6.15 -27.27
CA ASN A 420 -36.25 5.39 -27.71
C ASN A 420 -35.81 4.07 -28.32
N ASP A 421 -36.33 2.96 -27.78
CA ASP A 421 -36.01 1.65 -28.32
C ASP A 421 -36.69 1.37 -29.64
N GLN A 422 -37.77 2.10 -29.96
CA GLN A 422 -38.51 1.88 -31.19
C GLN A 422 -38.68 3.16 -32.01
N ASN A 423 -38.01 4.25 -31.64
CA ASN A 423 -38.09 5.50 -32.39
C ASN A 423 -36.71 6.13 -32.49
N SER A 424 -35.71 5.32 -32.82
CA SER A 424 -34.33 5.80 -32.83
C SER A 424 -34.08 6.74 -34.01
N SER A 425 -34.22 8.04 -33.77
CA SER A 425 -34.00 9.03 -34.82
C SER A 425 -32.54 9.47 -34.86
N GLY A 426 -32.05 10.03 -33.76
CA GLY A 426 -30.67 10.47 -33.68
C GLY A 426 -29.75 9.41 -33.10
N GLU A 427 -29.04 8.68 -33.97
CA GLU A 427 -28.22 7.57 -33.50
C GLU A 427 -26.78 8.03 -33.31
N PRO A 428 -26.17 7.75 -32.15
CA PRO A 428 -24.79 8.18 -31.92
C PRO A 428 -23.77 7.51 -32.82
N GLU A 429 -22.51 7.88 -32.65
CA GLU A 429 -21.40 7.50 -33.54
C GLU A 429 -20.21 7.03 -32.73
N TYR A 430 -20.44 6.06 -31.83
CA TYR A 430 -19.39 5.54 -30.97
C TYR A 430 -18.11 5.25 -31.74
N SER A 431 -16.98 5.43 -31.07
CA SER A 431 -15.68 5.28 -31.70
C SER A 431 -15.34 3.84 -32.05
N GLN A 432 -15.97 2.86 -31.39
CA GLN A 432 -15.69 1.46 -31.68
C GLN A 432 -16.93 0.65 -31.28
N VAL A 433 -17.73 0.27 -32.26
CA VAL A 433 -18.97 -0.47 -31.99
C VAL A 433 -18.64 -1.94 -31.80
N ILE A 434 -19.46 -2.61 -30.99
CA ILE A 434 -19.33 -4.04 -30.73
C ILE A 434 -20.70 -4.68 -30.93
N GLN A 435 -20.75 -5.73 -31.75
CA GLN A 435 -21.99 -6.43 -32.01
C GLN A 435 -22.16 -7.59 -31.03
N ILE A 436 -23.33 -7.65 -30.40
CA ILE A 436 -23.66 -8.78 -29.53
C ILE A 436 -25.11 -9.18 -29.82
N ASN A 437 -25.27 -10.26 -30.57
CA ASN A 437 -26.59 -10.80 -30.84
C ASN A 437 -26.95 -11.76 -29.71
N LEU A 438 -28.08 -11.50 -29.05
CA LEU A 438 -28.46 -12.28 -27.87
C LEU A 438 -28.89 -13.70 -28.22
N ASN A 439 -28.91 -14.09 -29.49
CA ASN A 439 -29.14 -15.47 -29.89
C ASN A 439 -27.87 -16.31 -29.85
N SER A 440 -26.84 -15.84 -29.16
CA SER A 440 -25.57 -16.54 -29.04
C SER A 440 -25.17 -16.72 -27.58
N ILE A 441 -26.15 -16.91 -26.71
CA ILE A 441 -25.93 -17.09 -25.28
C ILE A 441 -26.41 -18.48 -24.90
N VAL A 442 -25.53 -19.26 -24.27
CA VAL A 442 -25.86 -20.62 -23.87
C VAL A 442 -25.63 -20.77 -22.36
N PRO A 443 -26.54 -21.47 -21.65
CA PRO A 443 -26.43 -21.67 -20.20
C PRO A 443 -25.72 -22.95 -19.82
N ARG A 668 -37.26 -15.82 -20.10
CA ARG A 668 -36.72 -14.57 -19.58
C ARG A 668 -37.78 -13.70 -18.94
N GLU A 669 -38.85 -13.42 -19.70
CA GLU A 669 -39.90 -12.53 -19.23
C GLU A 669 -40.61 -13.07 -17.98
N GLU A 670 -40.51 -14.37 -17.72
CA GLU A 670 -41.21 -14.94 -16.56
C GLU A 670 -40.65 -14.42 -15.24
N VAL A 671 -39.40 -13.94 -15.25
CA VAL A 671 -38.82 -13.37 -14.04
C VAL A 671 -38.84 -11.84 -14.08
N HIS A 672 -38.76 -11.24 -15.27
CA HIS A 672 -38.83 -9.79 -15.38
C HIS A 672 -40.23 -9.26 -15.08
N ARG A 673 -41.27 -10.00 -15.47
CA ARG A 673 -42.64 -9.59 -15.13
C ARG A 673 -42.92 -9.71 -13.64
N VAL A 674 -42.16 -10.54 -12.92
CA VAL A 674 -42.36 -10.67 -11.48
C VAL A 674 -41.99 -9.38 -10.78
N GLU A 675 -40.75 -8.93 -10.95
CA GLU A 675 -40.22 -7.79 -10.21
C GLU A 675 -40.91 -6.48 -10.49
N GLU A 676 -41.92 -6.45 -11.36
CA GLU A 676 -42.63 -5.20 -11.63
C GLU A 676 -43.54 -4.82 -10.47
N GLU A 677 -44.45 -5.70 -10.08
CA GLU A 677 -45.37 -5.44 -8.98
C GLU A 677 -45.02 -6.19 -7.71
N HIS A 678 -44.06 -7.12 -7.76
CA HIS A 678 -43.61 -7.86 -6.59
C HIS A 678 -42.59 -7.06 -5.77
N VAL A 679 -41.85 -7.78 -4.93
CA VAL A 679 -41.12 -7.26 -3.77
C VAL A 679 -40.43 -5.92 -4.01
N ILE A 680 -39.97 -5.66 -5.24
CA ILE A 680 -39.27 -4.41 -5.54
C ILE A 680 -40.06 -3.22 -5.03
N LEU A 681 -41.33 -3.13 -5.45
CA LEU A 681 -42.22 -2.08 -4.95
C LEU A 681 -42.30 -2.10 -3.43
N SER A 682 -42.38 -3.31 -2.84
CA SER A 682 -42.46 -3.42 -1.39
C SER A 682 -41.12 -3.17 -0.73
N MET A 683 -40.02 -3.61 -1.35
CA MET A 683 -38.71 -3.46 -0.75
C MET A 683 -38.31 -1.98 -0.67
N PHE A 684 -38.59 -1.21 -1.73
CA PHE A 684 -38.22 0.20 -1.71
C PHE A 684 -38.99 0.97 -0.65
N LYS A 685 -40.29 0.72 -0.54
CA LYS A 685 -41.08 1.40 0.49
C LYS A 685 -40.74 0.89 1.89
N ALA A 686 -40.25 -0.34 2.01
CA ALA A 686 -39.81 -0.83 3.31
C ALA A 686 -38.52 -0.15 3.73
N LEU A 687 -37.60 0.05 2.79
CA LEU A 687 -36.38 0.79 3.11
C LEU A 687 -36.68 2.27 3.39
N LYS A 688 -37.68 2.84 2.71
CA LYS A 688 -38.05 4.22 3.00
C LYS A 688 -38.37 4.41 4.48
N ASP A 689 -38.97 3.40 5.12
CA ASP A 689 -39.25 3.44 6.54
C ASP A 689 -38.15 2.79 7.38
N LYS A 690 -37.08 2.31 6.76
CA LYS A 690 -35.92 1.83 7.51
C LYS A 690 -35.06 2.97 8.03
N ILE A 691 -35.26 4.19 7.52
CA ILE A 691 -34.49 5.34 7.96
C ILE A 691 -35.40 6.31 8.71
N LYS A 696 -32.48 2.60 15.19
CA LYS A 696 -32.68 2.41 16.62
C LYS A 696 -31.68 3.23 17.41
N ARG A 697 -30.40 3.01 17.16
CA ARG A 697 -29.32 3.71 17.85
C ARG A 697 -28.92 5.00 17.15
N TRP A 698 -29.52 5.31 16.01
CA TRP A 698 -29.22 6.55 15.32
C TRP A 698 -30.18 7.67 15.69
N ASN A 699 -31.48 7.36 15.76
CA ASN A 699 -32.42 8.32 16.34
C ASN A 699 -32.60 8.05 17.84
N SER A 700 -31.45 7.85 18.50
CA SER A 700 -31.36 7.80 19.94
C SER A 700 -30.04 8.41 20.41
N LEU A 701 -29.33 9.09 19.54
CA LEU A 701 -27.95 9.51 19.76
C LEU A 701 -27.93 11.03 19.90
N GLU A 702 -27.61 11.51 21.09
CA GLU A 702 -27.54 12.94 21.33
C GLU A 702 -26.50 13.58 20.43
N ALA A 703 -26.90 14.62 19.72
CA ALA A 703 -25.99 15.33 18.83
C ALA A 703 -26.38 16.80 18.83
N PRO A 704 -25.43 17.70 18.61
CA PRO A 704 -25.74 19.13 18.64
C PRO A 704 -26.71 19.51 17.53
N ASP A 705 -27.17 20.76 17.60
CA ASP A 705 -27.99 21.34 16.53
C ASP A 705 -27.59 22.78 16.24
N SER A 706 -26.48 23.26 16.81
CA SER A 706 -26.12 24.65 16.70
C SER A 706 -25.42 24.92 15.37
N VAL A 707 -25.23 26.21 15.09
CA VAL A 707 -24.56 26.61 13.85
C VAL A 707 -23.11 26.14 13.86
N LEU A 708 -22.37 26.47 14.91
CA LEU A 708 -21.00 26.03 15.09
C LEU A 708 -20.96 24.78 15.94
N PHE A 709 -20.00 23.92 15.67
CA PHE A 709 -19.91 22.66 16.39
C PHE A 709 -19.31 22.90 17.78
N PRO A 710 -19.90 22.34 18.83
CA PRO A 710 -19.30 22.42 20.17
C PRO A 710 -18.13 21.45 20.31
N TRP A 711 -16.96 21.91 19.87
CA TRP A 711 -15.76 21.08 19.90
C TRP A 711 -15.49 20.58 21.31
N ASP A 712 -15.24 19.28 21.42
CA ASP A 712 -14.80 18.68 22.68
C ASP A 712 -13.28 18.78 22.73
N LEU A 713 -12.75 19.35 23.82
CA LEU A 713 -11.32 19.57 23.92
C LEU A 713 -10.58 18.38 24.52
N LYS A 714 -11.29 17.47 25.18
CA LYS A 714 -10.70 16.22 25.65
C LYS A 714 -10.94 15.08 24.67
N SER A 715 -11.22 15.39 23.40
CA SER A 715 -11.55 14.37 22.42
C SER A 715 -10.31 13.97 21.64
N THR A 716 -10.21 12.68 21.33
CA THR A 716 -9.12 12.15 20.53
C THR A 716 -9.58 11.68 19.15
N TYR A 717 -10.88 11.82 18.84
CA TYR A 717 -11.43 11.39 17.57
C TYR A 717 -11.73 12.55 16.64
N ILE A 718 -12.41 13.59 17.14
CA ILE A 718 -12.77 14.76 16.35
C ILE A 718 -12.08 15.97 16.95
N ARG A 719 -11.25 16.64 16.15
CA ARG A 719 -10.52 17.82 16.56
C ARG A 719 -10.59 18.85 15.44
N CYS A 720 -10.77 20.10 15.80
CA CYS A 720 -10.77 21.17 14.82
C CYS A 720 -9.37 21.35 14.24
N PRO A 721 -9.15 21.10 12.96
CA PRO A 721 -7.80 21.22 12.41
C PRO A 721 -7.36 22.68 12.31
N SER A 722 -6.10 22.86 11.95
CA SER A 722 -5.45 24.16 11.93
C SER A 722 -5.20 24.66 10.52
N PHE A 723 -6.15 24.41 9.62
CA PHE A 723 -6.01 24.86 8.24
C PHE A 723 -6.31 26.33 8.06
N PHE A 724 -7.12 26.91 8.94
CA PHE A 724 -7.62 28.27 8.78
C PHE A 724 -6.97 29.25 9.74
N ASP A 725 -5.85 28.90 10.34
CA ASP A 725 -5.21 29.71 11.38
C ASP A 725 -3.87 30.21 10.85
N LYS A 726 -3.81 31.48 10.48
CA LYS A 726 -4.96 32.38 10.51
C LYS A 726 -5.39 32.71 9.09
N LEU A 727 -6.69 32.97 8.91
CA LEU A 727 -7.24 33.01 7.56
C LEU A 727 -6.92 34.32 6.87
N THR A 728 -7.35 35.45 7.45
CA THR A 728 -6.94 36.79 7.00
C THR A 728 -7.33 37.03 5.54
N LYS A 729 -8.63 37.22 5.33
CA LYS A 729 -9.21 37.46 4.00
C LYS A 729 -8.47 38.56 3.24
N GLU A 730 -8.70 38.64 1.92
CA GLU A 730 -7.83 39.39 1.01
C GLU A 730 -6.41 38.87 1.16
N PRO A 731 -6.11 37.71 0.56
CA PRO A 731 -4.88 36.99 0.87
C PRO A 731 -3.63 37.83 0.69
N ILE A 732 -2.59 37.46 1.43
CA ILE A 732 -1.31 38.16 1.39
C ILE A 732 -0.52 37.72 0.16
N ALA A 733 0.51 38.50 -0.17
CA ALA A 733 1.37 38.18 -1.28
C ALA A 733 2.08 36.85 -1.05
N LEU A 734 2.66 36.31 -2.13
CA LEU A 734 3.28 34.99 -2.08
C LEU A 734 4.53 35.05 -1.21
N GLN A 735 4.49 34.36 -0.07
CA GLN A 735 5.61 34.34 0.85
C GLN A 735 6.71 33.43 0.33
N ALA A 736 7.94 33.94 0.34
CA ALA A 736 9.09 33.20 -0.16
C ALA A 736 9.69 32.34 0.94
N ILE A 737 9.93 31.07 0.63
CA ILE A 737 10.60 30.18 1.58
C ILE A 737 12.03 30.66 1.75
N GLU A 738 12.51 30.68 3.00
CA GLU A 738 13.85 31.15 3.30
C GLU A 738 14.48 30.25 4.34
N ASN A 739 15.63 29.67 4.00
CA ASN A 739 16.41 28.84 4.91
C ASN A 739 15.62 27.62 5.37
N ALA A 740 15.07 26.89 4.42
CA ALA A 740 14.33 25.67 4.73
C ALA A 740 15.31 24.53 5.01
N HIS A 741 14.80 23.44 5.55
CA HIS A 741 15.62 22.27 5.83
C HIS A 741 14.88 21.04 5.35
N VAL A 742 15.55 20.24 4.52
CA VAL A 742 14.95 19.03 3.98
C VAL A 742 14.55 18.11 5.12
N LEU A 743 13.25 17.87 5.25
CA LEU A 743 12.78 16.97 6.30
C LEU A 743 12.97 15.51 5.91
N LEU A 744 12.55 15.16 4.69
CA LEU A 744 12.67 13.81 4.18
C LEU A 744 13.48 13.82 2.90
N TYR A 745 14.30 12.80 2.72
CA TYR A 745 15.05 12.60 1.48
C TYR A 745 14.71 11.19 1.00
N LEU A 746 13.83 11.10 0.02
CA LEU A 746 13.21 9.85 -0.40
C LEU A 746 13.67 9.46 -1.80
N GLY A 747 13.24 8.29 -2.22
CA GLY A 747 13.67 7.70 -3.48
C GLY A 747 12.63 7.82 -4.56
N ASP A 748 12.44 6.74 -5.32
CA ASP A 748 11.54 6.71 -6.45
C ASP A 748 10.28 5.95 -6.09
N SER A 749 9.17 6.35 -6.71
CA SER A 749 7.86 5.74 -6.53
C SER A 749 7.48 5.70 -5.05
N VAL A 750 7.41 6.89 -4.45
CA VAL A 750 6.99 7.04 -3.06
C VAL A 750 5.46 7.02 -3.07
N THR A 751 4.87 5.86 -2.81
CA THR A 751 3.42 5.74 -2.84
C THR A 751 2.79 6.58 -1.75
N THR A 752 1.50 6.88 -1.93
CA THR A 752 0.77 7.63 -0.93
C THR A 752 0.42 6.80 0.30
N ASP A 753 0.75 5.50 0.30
CA ASP A 753 0.65 4.72 1.52
C ASP A 753 1.86 4.89 2.42
N HIS A 754 2.95 5.44 1.89
CA HIS A 754 4.08 5.85 2.70
C HIS A 754 3.90 7.26 3.26
N ILE A 755 3.19 8.12 2.54
CA ILE A 755 2.93 9.47 3.02
C ILE A 755 1.76 9.49 3.99
N SER A 756 0.68 8.81 3.63
CA SER A 756 -0.51 8.91 4.46
C SER A 756 -0.59 7.75 5.43
N PRO A 757 -0.93 8.02 6.68
CA PRO A 757 -1.01 6.95 7.68
C PRO A 757 -2.18 6.02 7.42
N ALA A 758 -2.01 4.77 7.82
CA ALA A 758 -3.02 3.75 7.64
C ALA A 758 -2.65 2.54 8.47
N GLY A 759 -3.67 1.85 8.97
CA GLY A 759 -3.46 0.63 9.74
C GLY A 759 -3.44 0.89 11.23
N SER A 760 -3.09 -0.16 11.96
CA SER A 760 -2.97 -0.04 13.40
C SER A 760 -1.89 0.96 13.76
N ILE A 761 -2.01 1.54 14.95
CA ILE A 761 -1.07 2.55 15.41
C ILE A 761 0.09 1.84 16.11
N ALA A 762 1.30 2.11 15.63
CA ALA A 762 2.48 1.42 16.14
C ALA A 762 2.71 1.77 17.60
N ARG A 763 3.06 0.75 18.39
CA ARG A 763 3.24 0.93 19.82
C ARG A 763 4.42 1.84 20.15
N ASN A 764 5.34 2.04 19.22
CA ASN A 764 6.52 2.87 19.43
C ASN A 764 6.56 4.05 18.47
N SER A 765 5.39 4.60 18.15
CA SER A 765 5.26 5.68 17.19
C SER A 765 5.01 7.00 17.91
N ALA A 766 5.01 8.09 17.14
CA ALA A 766 4.69 9.38 17.72
C ALA A 766 3.22 9.45 18.12
N ALA A 767 2.34 8.86 17.32
CA ALA A 767 0.92 8.87 17.63
C ALA A 767 0.63 8.11 18.92
N ALA A 768 1.40 7.06 19.21
CA ALA A 768 1.21 6.35 20.46
C ALA A 768 1.67 7.16 21.66
N LYS A 769 2.73 7.95 21.49
CA LYS A 769 3.14 8.87 22.55
C LYS A 769 2.08 9.97 22.75
N TYR A 770 1.45 10.41 21.68
CA TYR A 770 0.35 11.36 21.81
C TYR A 770 -0.82 10.74 22.57
N LEU A 771 -1.27 9.57 22.14
CA LEU A 771 -2.44 8.94 22.72
C LEU A 771 -2.18 8.34 24.10
N THR A 772 -0.92 8.21 24.51
CA THR A 772 -0.64 7.75 25.86
C THR A 772 -0.70 8.89 26.86
N ASN A 773 -0.31 10.10 26.43
CA ASN A 773 -0.47 11.27 27.27
C ASN A 773 -1.93 11.60 27.53
N ARG A 774 -2.82 11.19 26.63
CA ARG A 774 -4.26 11.36 26.82
C ARG A 774 -4.88 10.26 27.66
N GLY A 775 -4.08 9.34 28.19
CA GLY A 775 -4.59 8.33 29.09
C GLY A 775 -5.19 7.11 28.42
N LEU A 776 -4.82 6.82 27.18
CA LEU A 776 -5.35 5.67 26.45
C LEU A 776 -4.41 4.48 26.58
N THR A 777 -4.97 3.32 26.89
CA THR A 777 -4.19 2.10 26.93
C THR A 777 -3.70 1.77 25.53
N PRO A 778 -2.70 0.88 25.40
CA PRO A 778 -2.24 0.49 24.06
C PRO A 778 -3.29 -0.22 23.24
N ARG A 779 -4.29 -0.84 23.86
CA ARG A 779 -5.36 -1.49 23.11
C ARG A 779 -6.50 -0.57 22.77
N GLU A 780 -6.46 0.68 23.23
CA GLU A 780 -7.45 1.68 22.86
C GLU A 780 -6.96 2.59 21.75
N PHE A 781 -5.69 2.49 21.35
CA PHE A 781 -5.25 3.09 20.10
C PHE A 781 -6.03 2.41 18.99
N ASN A 782 -6.89 3.15 18.30
CA ASN A 782 -7.62 2.58 17.18
C ASN A 782 -6.71 2.55 15.97
N SER A 783 -7.26 2.27 14.79
CA SER A 783 -6.45 2.34 13.59
C SER A 783 -6.14 3.80 13.26
N TYR A 784 -5.28 3.98 12.26
CA TYR A 784 -4.96 5.33 11.83
C TYR A 784 -6.10 5.96 11.04
N GLY A 785 -7.07 5.17 10.61
CA GLY A 785 -8.17 5.69 9.83
C GLY A 785 -9.42 5.87 10.66
N ALA A 786 -9.41 5.33 11.88
CA ALA A 786 -10.48 5.58 12.84
C ALA A 786 -10.24 6.84 13.64
N ARG A 787 -9.18 7.58 13.34
CA ARG A 787 -8.88 8.85 13.97
C ARG A 787 -8.56 9.89 12.91
N ARG A 788 -9.31 9.89 11.82
CA ARG A 788 -9.09 10.83 10.73
C ARG A 788 -9.75 12.18 10.97
N GLY A 789 -10.62 12.29 11.97
CA GLY A 789 -11.09 13.59 12.39
C GLY A 789 -10.09 14.30 13.27
N ASN A 790 -9.31 13.55 14.05
CA ASN A 790 -8.23 14.09 14.87
C ASN A 790 -7.02 14.32 13.96
N ASP A 791 -6.64 15.58 13.79
CA ASP A 791 -5.52 15.89 12.90
C ASP A 791 -4.17 15.70 13.55
N ALA A 792 -4.10 15.75 14.89
CA ALA A 792 -2.83 15.51 15.56
C ALA A 792 -2.37 14.07 15.37
N VAL A 793 -3.27 13.12 15.62
CA VAL A 793 -2.96 11.71 15.40
C VAL A 793 -2.61 11.44 13.95
N MET A 794 -3.20 12.19 13.02
CA MET A 794 -2.95 11.92 11.62
C MET A 794 -1.62 12.50 11.17
N THR A 795 -1.23 13.68 11.66
CA THR A 795 0.08 14.20 11.30
C THR A 795 1.20 13.53 12.07
N ARG A 796 0.90 12.86 13.18
CA ARG A 796 1.90 12.03 13.84
C ARG A 796 2.04 10.67 13.18
N GLY A 797 1.26 10.38 12.15
CA GLY A 797 1.40 9.15 11.41
C GLY A 797 1.86 9.40 10.00
N THR A 798 1.96 10.67 9.62
CA THR A 798 2.46 11.02 8.30
C THR A 798 3.95 10.71 8.21
N PHE A 799 4.34 9.99 7.15
CA PHE A 799 5.72 9.59 6.93
C PHE A 799 6.24 8.72 8.06
N ALA A 800 5.34 8.02 8.75
CA ALA A 800 5.69 7.14 9.86
C ALA A 800 5.40 5.68 9.51
N ASN A 801 5.68 5.31 8.26
CA ASN A 801 5.56 3.93 7.81
C ASN A 801 6.90 3.24 8.02
N ILE A 802 6.87 2.07 8.66
CA ILE A 802 8.10 1.35 8.96
C ILE A 802 8.85 0.93 7.71
N LYS A 803 8.24 1.06 6.54
CA LYS A 803 8.89 0.77 5.27
C LYS A 803 9.41 2.02 4.58
N LEU A 804 9.39 3.16 5.26
CA LEU A 804 9.85 4.40 4.66
C LEU A 804 11.37 4.38 4.54
N PHE A 805 11.86 4.50 3.31
CA PHE A 805 13.29 4.50 3.04
C PHE A 805 13.76 5.95 2.97
N ASN A 806 14.17 6.48 4.11
CA ASN A 806 14.74 7.83 4.17
C ASN A 806 16.23 7.73 3.87
N LYS A 807 16.68 8.48 2.86
CA LYS A 807 18.08 8.41 2.46
C LYS A 807 19.01 9.15 3.41
N PHE A 808 18.47 9.83 4.43
CA PHE A 808 19.32 10.36 5.49
C PHE A 808 19.74 9.26 6.46
N ILE A 809 18.93 8.22 6.58
CA ILE A 809 19.17 7.14 7.52
C ILE A 809 19.80 5.93 6.84
N GLY A 810 19.42 5.66 5.60
CA GLY A 810 19.85 4.44 4.95
C GLY A 810 18.78 3.37 4.99
N LYS A 811 18.89 2.46 5.96
CA LYS A 811 17.93 1.37 6.12
C LYS A 811 16.50 1.89 6.19
N PRO A 812 15.51 1.06 5.87
CA PRO A 812 14.11 1.54 5.86
C PRO A 812 13.55 1.75 7.26
N ALA A 813 13.80 2.91 7.85
CA ALA A 813 13.28 3.27 9.16
C ALA A 813 12.38 4.49 9.05
N PRO A 814 11.29 4.55 9.81
CA PRO A 814 10.37 5.70 9.75
C PRO A 814 10.83 6.87 10.60
N LYS A 815 12.05 7.35 10.34
CA LYS A 815 12.64 8.43 11.11
C LYS A 815 13.37 9.38 10.18
N THR A 816 13.85 10.48 10.74
CA THR A 816 14.65 11.44 10.00
C THR A 816 15.60 12.12 10.99
N ILE A 817 16.45 12.98 10.46
CA ILE A 817 17.53 13.60 11.22
C ILE A 817 17.23 15.07 11.40
N HIS A 818 17.18 15.52 12.66
CA HIS A 818 17.10 16.94 12.97
C HIS A 818 18.50 17.55 12.83
N PHE A 819 18.66 18.46 11.89
CA PHE A 819 20.01 18.89 11.53
C PHE A 819 20.64 19.86 12.53
N PRO A 820 19.96 20.91 13.00
CA PRO A 820 20.58 21.78 14.00
C PRO A 820 20.94 21.08 15.29
N SER A 821 20.28 19.96 15.61
CA SER A 821 20.56 19.23 16.84
C SER A 821 21.22 17.88 16.62
N GLY A 822 21.17 17.34 15.41
CA GLY A 822 21.93 16.16 15.04
C GLY A 822 21.29 14.84 15.38
N GLN A 823 20.22 14.82 16.17
CA GLN A 823 19.71 13.54 16.65
C GLN A 823 18.83 12.88 15.60
N THR A 824 18.51 11.62 15.84
CA THR A 824 17.72 10.78 14.93
C THR A 824 16.43 10.40 15.65
N LEU A 825 15.34 11.05 15.27
CA LEU A 825 14.04 10.87 15.88
C LEU A 825 12.97 10.84 14.80
N ASP A 826 11.72 10.67 15.21
CA ASP A 826 10.60 10.51 14.29
C ASP A 826 10.44 11.73 13.40
N VAL A 827 9.67 11.56 12.32
CA VAL A 827 9.47 12.64 11.37
C VAL A 827 8.65 13.76 12.01
N PHE A 828 7.61 13.41 12.76
CA PHE A 828 6.81 14.43 13.41
C PHE A 828 7.62 15.15 14.48
N GLU A 829 8.44 14.42 15.24
CA GLU A 829 9.22 15.06 16.28
C GLU A 829 10.35 15.91 15.72
N ALA A 830 10.72 15.72 14.45
CA ALA A 830 11.67 16.61 13.82
C ALA A 830 10.98 17.84 13.25
N ALA A 831 9.86 17.64 12.57
CA ALA A 831 9.09 18.78 12.07
C ALA A 831 8.63 19.67 13.21
N GLU A 832 8.35 19.10 14.37
CA GLU A 832 7.89 19.89 15.50
C GLU A 832 9.01 20.74 16.09
N LEU A 833 10.21 20.16 16.21
CA LEU A 833 11.36 20.94 16.64
C LEU A 833 11.71 22.01 15.61
N TYR A 834 11.44 21.75 14.33
CA TYR A 834 11.63 22.78 13.31
C TYR A 834 10.58 23.87 13.43
N GLN A 835 9.37 23.52 13.87
CA GLN A 835 8.30 24.52 14.00
C GLN A 835 8.60 25.50 15.13
N LYS A 836 9.11 25.00 16.26
CA LYS A 836 9.42 25.87 17.38
C LYS A 836 10.50 26.88 17.06
N GLU A 837 11.36 26.61 16.08
CA GLU A 837 12.40 27.54 15.68
C GLU A 837 12.01 28.39 14.48
N GLY A 838 10.84 28.15 13.88
CA GLY A 838 10.41 28.93 12.74
C GLY A 838 11.18 28.65 11.47
N ILE A 839 11.56 27.39 11.23
CA ILE A 839 12.32 27.00 10.05
C ILE A 839 11.36 26.27 9.11
N PRO A 840 11.17 26.74 7.88
CA PRO A 840 10.31 26.03 6.94
C PRO A 840 10.94 24.70 6.54
N LEU A 841 10.16 23.88 5.87
CA LEU A 841 10.60 22.56 5.44
C LEU A 841 10.30 22.37 3.96
N ILE A 842 11.08 21.48 3.35
CA ILE A 842 10.82 20.97 2.01
C ILE A 842 11.01 19.46 2.05
N ILE A 843 10.88 18.84 0.89
CA ILE A 843 11.05 17.39 0.74
C ILE A 843 11.72 17.11 -0.59
N LEU A 844 12.75 16.26 -0.58
CA LEU A 844 13.39 15.80 -1.80
C LEU A 844 12.90 14.40 -2.11
N ALA A 845 12.52 14.15 -3.36
CA ALA A 845 12.06 12.85 -3.78
C ALA A 845 12.55 12.58 -5.19
N GLY A 846 12.07 11.49 -5.79
CA GLY A 846 12.56 11.07 -7.09
C GLY A 846 11.50 10.99 -8.17
N LYS A 847 11.28 9.78 -8.70
CA LYS A 847 10.35 9.58 -9.79
C LYS A 847 8.97 9.22 -9.25
N LYS A 848 7.94 9.84 -9.85
CA LYS A 848 6.56 9.53 -9.55
C LYS A 848 6.27 9.64 -8.05
N TYR A 849 6.61 10.80 -7.50
CA TYR A 849 6.38 11.04 -6.08
C TYR A 849 4.88 11.09 -5.79
N GLY A 850 4.44 10.31 -4.82
CA GLY A 850 3.04 10.27 -4.48
C GLY A 850 2.26 9.34 -5.38
N SER A 851 2.87 8.22 -5.75
CA SER A 851 2.24 7.26 -6.63
C SER A 851 1.07 6.56 -5.94
N GLY A 852 0.22 5.94 -6.74
CA GLY A 852 -0.91 5.22 -6.22
C GLY A 852 -2.17 6.06 -6.18
N ASN A 853 -3.16 5.53 -5.46
CA ASN A 853 -4.40 6.25 -5.27
C ASN A 853 -4.18 7.44 -4.33
N SER A 854 -5.22 8.23 -4.13
CA SER A 854 -5.16 9.43 -3.30
C SER A 854 -5.74 9.10 -1.93
N ARG A 855 -4.88 9.00 -0.93
CA ARG A 855 -5.31 8.87 0.45
C ARG A 855 -5.41 10.23 1.09
N ASP A 856 -6.27 10.35 2.09
CA ASP A 856 -6.32 11.55 2.89
C ASP A 856 -5.03 11.72 3.69
N TRP A 857 -4.69 12.95 4.00
CA TRP A 857 -3.43 13.30 4.66
C TRP A 857 -2.22 12.92 3.84
N ALA A 858 -2.40 12.65 2.54
CA ALA A 858 -1.26 12.57 1.65
C ALA A 858 -0.75 13.94 1.26
N ALA A 859 -1.61 14.96 1.33
CA ALA A 859 -1.21 16.35 1.18
C ALA A 859 -1.50 17.20 2.40
N LYS A 860 -2.44 16.78 3.26
CA LYS A 860 -2.69 17.50 4.51
C LYS A 860 -1.58 17.25 5.50
N GLY A 861 -1.09 16.02 5.58
CA GLY A 861 -0.05 15.64 6.51
C GLY A 861 1.21 16.45 6.35
N PRO A 862 1.84 16.38 5.17
CA PRO A 862 3.00 17.23 4.92
C PRO A 862 2.78 18.71 5.19
N TYR A 863 1.61 19.24 4.84
CA TYR A 863 1.35 20.67 5.06
C TYR A 863 1.28 20.99 6.54
N LEU A 864 0.70 20.10 7.34
CA LEU A 864 0.59 20.33 8.77
C LEU A 864 1.88 20.02 9.51
N LEU A 865 2.78 19.23 8.91
CA LEU A 865 4.10 19.04 9.50
C LEU A 865 4.92 20.32 9.40
N GLY A 866 4.70 21.11 8.36
CA GLY A 866 5.41 22.36 8.21
C GLY A 866 6.04 22.49 6.84
N VAL A 867 5.75 21.54 5.96
CA VAL A 867 6.35 21.51 4.63
C VAL A 867 5.79 22.64 3.79
N LYS A 868 6.66 23.35 3.08
CA LYS A 868 6.25 24.46 2.24
C LYS A 868 6.41 24.20 0.75
N ALA A 869 7.07 23.12 0.37
CA ALA A 869 7.30 22.76 -1.02
C ALA A 869 7.82 21.34 -1.07
N VAL A 870 7.70 20.71 -2.24
CA VAL A 870 8.22 19.37 -2.46
C VAL A 870 9.08 19.41 -3.72
N LEU A 871 10.28 18.85 -3.63
CA LEU A 871 11.17 18.72 -4.78
C LEU A 871 11.17 17.27 -5.24
N ALA A 872 10.86 17.05 -6.51
CA ALA A 872 10.85 15.70 -7.05
C ALA A 872 11.17 15.77 -8.53
N GLU A 873 11.63 14.64 -9.07
CA GLU A 873 11.89 14.57 -10.50
C GLU A 873 10.60 14.48 -11.30
N SER A 874 9.56 13.90 -10.71
CA SER A 874 8.25 13.80 -11.35
C SER A 874 7.23 13.39 -10.31
N TYR A 875 6.07 14.01 -10.36
CA TYR A 875 4.95 13.65 -9.50
C TYR A 875 3.94 12.82 -10.29
N GLU A 876 3.02 12.21 -9.56
CA GLU A 876 1.81 11.71 -10.19
C GLU A 876 0.87 12.87 -10.45
N LYS A 877 0.19 12.84 -11.59
CA LYS A 877 -0.66 13.97 -11.97
C LYS A 877 -1.78 14.18 -10.97
N ILE A 878 -2.27 13.11 -10.36
CA ILE A 878 -3.37 13.22 -9.40
C ILE A 878 -2.89 13.88 -8.11
N HIS A 879 -1.64 13.63 -7.73
CA HIS A 879 -1.14 14.14 -6.46
C HIS A 879 -0.61 15.56 -6.55
N LYS A 880 -0.13 15.97 -7.72
CA LYS A 880 0.31 17.35 -7.88
C LYS A 880 -0.81 18.33 -7.59
N ASP A 881 -2.03 17.98 -7.99
CA ASP A 881 -3.18 18.86 -7.74
C ASP A 881 -3.55 18.89 -6.27
N HIS A 882 -3.46 17.77 -5.56
CA HIS A 882 -3.73 17.79 -4.12
C HIS A 882 -2.64 18.53 -3.36
N LEU A 883 -1.41 18.53 -3.88
CA LEU A 883 -0.37 19.33 -3.27
C LEU A 883 -0.62 20.82 -3.49
N ILE A 884 -1.08 21.19 -4.68
CA ILE A 884 -1.38 22.60 -4.94
C ILE A 884 -2.57 23.06 -4.12
N GLY A 885 -3.57 22.21 -3.96
CA GLY A 885 -4.79 22.59 -3.28
C GLY A 885 -4.73 22.47 -1.77
N ILE A 886 -3.53 22.49 -1.20
CA ILE A 886 -3.36 22.49 0.25
C ILE A 886 -2.35 23.57 0.61
N GLY A 887 -1.66 24.10 -0.39
CA GLY A 887 -0.67 25.15 -0.17
C GLY A 887 0.76 24.67 -0.18
N ILE A 888 1.07 23.56 -0.83
CA ILE A 888 2.43 23.02 -0.92
C ILE A 888 2.85 23.13 -2.38
N ALA A 889 3.73 24.07 -2.67
CA ALA A 889 4.19 24.28 -4.04
C ALA A 889 4.93 23.05 -4.55
N PRO A 890 4.38 22.33 -5.53
CA PRO A 890 5.08 21.17 -6.07
C PRO A 890 6.09 21.57 -7.12
N LEU A 891 7.35 21.22 -6.91
CA LEU A 891 8.43 21.67 -7.76
C LEU A 891 9.10 20.46 -8.42
N GLN A 892 9.50 20.62 -9.68
CA GLN A 892 10.18 19.56 -10.41
C GLN A 892 11.56 20.05 -10.82
N PHE A 893 12.53 19.14 -10.79
CA PHE A 893 13.84 19.44 -11.35
C PHE A 893 13.71 19.58 -12.86
N LEU A 894 14.50 20.49 -13.44
CA LEU A 894 14.56 20.67 -14.88
C LEU A 894 14.83 19.33 -15.55
N PRO A 895 14.39 19.13 -16.79
CA PRO A 895 14.57 17.81 -17.43
C PRO A 895 16.05 17.47 -17.56
N GLY A 896 16.43 16.34 -16.97
CA GLY A 896 17.80 15.86 -16.98
C GLY A 896 18.44 15.88 -15.60
N GLU A 897 18.07 16.84 -14.75
CA GLU A 897 18.65 16.97 -13.43
C GLU A 897 17.88 16.16 -12.40
N ASN A 898 18.53 15.92 -11.26
CA ASN A 898 17.88 15.32 -10.12
C ASN A 898 18.68 15.68 -8.86
N ALA A 899 18.43 14.97 -7.77
CA ALA A 899 19.22 15.21 -6.55
C ALA A 899 20.68 14.82 -6.75
N ASP A 900 20.91 13.61 -7.28
CA ASP A 900 22.27 13.15 -7.53
C ASP A 900 22.75 13.57 -8.91
N SER A 901 22.59 14.87 -9.20
CA SER A 901 23.24 15.51 -10.35
C SER A 901 23.67 16.92 -10.02
N LEU A 902 23.47 17.37 -8.79
CA LEU A 902 23.81 18.72 -8.38
C LEU A 902 24.68 18.75 -7.13
N GLY A 903 24.95 17.61 -6.51
CA GLY A 903 25.68 17.59 -5.26
C GLY A 903 24.83 17.85 -4.05
N LEU A 904 23.52 17.72 -4.16
CA LEU A 904 22.63 17.96 -3.03
C LEU A 904 22.56 16.70 -2.17
N SER A 905 23.08 16.80 -0.94
CA SER A 905 22.95 15.71 0.02
C SER A 905 21.67 15.82 0.84
N GLY A 906 21.09 17.01 0.93
CA GLY A 906 19.90 17.23 1.72
C GLY A 906 20.14 17.90 3.07
N ARG A 907 21.34 18.42 3.31
CA ARG A 907 21.68 19.02 4.59
C ARG A 907 22.02 20.49 4.46
N GLU A 908 21.57 21.14 3.40
CA GLU A 908 21.76 22.56 3.18
C GLU A 908 20.47 23.31 3.53
N THR A 909 20.44 24.61 3.25
CA THR A 909 19.25 25.43 3.46
C THR A 909 18.84 26.03 2.13
N PHE A 910 17.67 25.64 1.64
CA PHE A 910 17.17 26.10 0.35
C PHE A 910 16.26 27.32 0.52
N SER A 911 16.39 28.27 -0.40
CA SER A 911 15.64 29.51 -0.35
C SER A 911 15.03 29.80 -1.71
N LEU A 912 13.72 30.07 -1.74
CA LEU A 912 12.99 30.36 -2.96
C LEU A 912 12.48 31.79 -2.95
N THR A 913 11.91 32.20 -4.08
CA THR A 913 11.18 33.46 -4.16
C THR A 913 10.26 33.39 -5.37
N PHE A 914 8.96 33.33 -5.13
CA PHE A 914 7.99 33.39 -6.23
C PHE A 914 7.90 34.83 -6.71
N PRO A 915 8.38 35.15 -7.91
CA PRO A 915 8.64 36.55 -8.24
C PRO A 915 7.40 37.42 -8.21
N GLU A 916 6.47 37.15 -9.12
CA GLU A 916 5.14 37.74 -9.15
C GLU A 916 4.41 37.17 -10.36
N GLU A 917 3.08 37.12 -10.33
CA GLU A 917 2.30 36.70 -11.49
C GLU A 917 2.78 35.32 -11.97
N LEU A 918 2.52 34.32 -11.14
CA LEU A 918 3.04 32.99 -11.40
C LEU A 918 2.38 32.39 -12.62
N SER A 919 3.03 32.53 -13.78
CA SER A 919 2.53 31.91 -14.99
C SER A 919 2.65 30.39 -14.89
N PRO A 920 1.83 29.65 -15.62
CA PRO A 920 1.88 28.19 -15.54
C PRO A 920 3.21 27.64 -16.05
N GLY A 921 3.73 26.64 -15.35
CA GLY A 921 4.99 26.01 -15.70
C GLY A 921 6.14 26.98 -15.79
N ILE A 922 6.39 27.71 -14.71
CA ILE A 922 7.44 28.73 -14.66
C ILE A 922 8.64 28.15 -13.94
N THR A 923 9.83 28.59 -14.33
CA THR A 923 11.08 28.15 -13.70
C THR A 923 11.53 29.20 -12.69
N LEU A 924 11.85 28.74 -11.49
CA LEU A 924 12.27 29.60 -10.39
C LEU A 924 13.51 29.02 -9.73
N ASN A 925 14.45 29.89 -9.38
CA ASN A 925 15.77 29.47 -8.91
C ASN A 925 15.74 29.24 -7.41
N ILE A 926 16.13 28.02 -7.00
CA ILE A 926 16.34 27.69 -5.60
C ILE A 926 17.82 27.88 -5.29
N GLN A 927 18.11 28.64 -4.24
CA GLN A 927 19.47 28.83 -3.78
C GLN A 927 19.75 27.92 -2.58
N THR A 928 21.00 27.89 -2.15
CA THR A 928 21.40 27.04 -1.04
C THR A 928 22.33 27.81 -0.12
N SER A 929 22.64 27.18 1.02
CA SER A 929 23.63 27.72 1.94
C SER A 929 25.05 27.43 1.49
N THR A 930 25.24 26.39 0.66
CA THR A 930 26.54 26.05 0.12
C THR A 930 26.86 26.80 -1.18
N GLY A 931 26.08 27.83 -1.50
CA GLY A 931 26.32 28.60 -2.70
C GLY A 931 26.07 27.85 -3.99
N LYS A 932 24.97 27.12 -4.07
CA LYS A 932 24.66 26.28 -5.23
C LYS A 932 23.27 26.66 -5.74
N VAL A 933 23.22 27.57 -6.70
CA VAL A 933 21.97 27.99 -7.31
C VAL A 933 21.59 26.99 -8.39
N PHE A 934 20.29 26.72 -8.52
CA PHE A 934 19.81 25.84 -9.57
C PHE A 934 18.33 26.08 -9.80
N SER A 935 17.95 26.18 -11.07
CA SER A 935 16.57 26.45 -11.44
C SER A 935 15.72 25.19 -11.32
N VAL A 936 14.44 25.39 -11.00
CA VAL A 936 13.50 24.31 -10.78
C VAL A 936 12.14 24.76 -11.27
N ILE A 937 11.42 23.85 -11.93
CA ILE A 937 10.17 24.19 -12.59
C ILE A 937 9.03 24.16 -11.57
N ALA A 938 8.32 25.28 -11.43
CA ALA A 938 7.13 25.34 -10.60
C ALA A 938 5.98 24.70 -11.36
N SER A 939 5.64 23.46 -11.01
CA SER A 939 4.71 22.65 -11.79
C SER A 939 3.27 23.08 -11.50
N PHE A 940 2.92 24.26 -12.04
CA PHE A 940 1.56 24.78 -11.98
C PHE A 940 0.96 24.67 -13.38
N GLU A 941 -0.19 23.99 -13.48
CA GLU A 941 -0.74 23.65 -14.78
C GLU A 941 -1.54 24.81 -15.39
N ASP A 942 -2.58 25.26 -14.70
CA ASP A 942 -3.48 26.27 -15.21
C ASP A 942 -3.63 27.38 -14.18
N ASP A 943 -4.45 28.38 -14.50
CA ASP A 943 -4.64 29.50 -13.60
C ASP A 943 -5.52 29.14 -12.41
N VAL A 944 -6.28 28.05 -12.50
CA VAL A 944 -7.08 27.59 -11.36
C VAL A 944 -6.17 27.14 -10.23
N GLU A 945 -5.14 26.35 -10.55
CA GLU A 945 -4.20 25.91 -9.53
C GLU A 945 -3.30 27.04 -9.06
N ILE A 946 -2.92 27.95 -9.95
CA ILE A 946 -2.13 29.10 -9.53
C ILE A 946 -2.92 29.97 -8.57
N THR A 947 -4.23 30.10 -8.79
CA THR A 947 -5.05 30.88 -7.87
C THR A 947 -5.29 30.14 -6.57
N LEU A 948 -5.50 28.82 -6.64
CA LEU A 948 -5.63 28.03 -5.41
C LEU A 948 -4.34 28.08 -4.59
N TYR A 949 -3.20 28.30 -5.24
CA TYR A 949 -1.96 28.44 -4.48
C TYR A 949 -1.80 29.86 -3.94
N LYS A 950 -2.18 30.87 -4.72
CA LYS A 950 -2.10 32.25 -4.24
C LYS A 950 -3.01 32.50 -3.05
N HIS A 951 -4.04 31.68 -2.86
CA HIS A 951 -4.94 31.78 -1.73
C HIS A 951 -4.55 30.85 -0.60
N GLY A 952 -3.36 30.28 -0.63
CA GLY A 952 -2.93 29.39 0.42
C GLY A 952 -3.61 28.04 0.45
N GLY A 953 -4.40 27.70 -0.56
CA GLY A 953 -5.04 26.42 -0.60
C GLY A 953 -6.46 26.48 -1.12
N LEU A 954 -7.13 25.34 -1.17
CA LEU A 954 -8.52 25.33 -1.60
C LEU A 954 -9.46 25.69 -0.45
N LEU A 955 -9.14 25.28 0.77
CA LEU A 955 -10.01 25.57 1.91
C LEU A 955 -10.02 27.06 2.23
N ASN A 956 -8.86 27.72 2.18
CA ASN A 956 -8.81 29.16 2.41
C ASN A 956 -9.55 29.91 1.31
N PHE A 957 -9.35 29.51 0.06
CA PHE A 957 -10.03 30.16 -1.05
C PHE A 957 -11.54 30.01 -0.93
N VAL A 958 -12.01 28.85 -0.50
CA VAL A 958 -13.45 28.65 -0.35
C VAL A 958 -13.99 29.43 0.84
N ALA A 959 -13.24 29.48 1.94
CA ALA A 959 -13.70 30.19 3.12
C ALA A 959 -13.69 31.70 2.92
N ARG A 960 -12.85 32.21 2.03
CA ARG A 960 -12.89 33.64 1.73
C ARG A 960 -14.12 34.03 0.93
N LYS A 961 -14.68 33.10 0.16
CA LYS A 961 -15.88 33.40 -0.60
C LYS A 961 -17.12 33.44 0.29
N PHE A 962 -17.16 32.62 1.34
CA PHE A 962 -18.27 32.63 2.28
C PHE A 962 -18.24 33.81 3.24
N SER A 963 -17.20 34.64 3.18
CA SER A 963 -17.10 35.79 4.08
C SER A 963 -17.26 37.09 3.33
N ILE B 6 46.06 -25.34 -4.42
CA ILE B 6 44.86 -25.30 -3.61
C ILE B 6 44.55 -26.70 -3.08
N THR B 7 45.21 -27.71 -3.65
CA THR B 7 44.94 -29.08 -3.25
C THR B 7 45.70 -29.45 -1.97
N HIS B 8 46.82 -28.80 -1.70
CA HIS B 8 47.55 -29.05 -0.46
C HIS B 8 46.83 -28.49 0.75
N LEU B 9 45.81 -27.66 0.56
CA LEU B 9 45.04 -27.13 1.68
C LEU B 9 44.22 -28.25 2.31
N PRO B 10 44.21 -28.37 3.64
CA PRO B 10 43.38 -29.39 4.28
C PRO B 10 41.90 -29.07 4.10
N PRO B 11 41.02 -30.06 4.32
CA PRO B 11 39.59 -29.79 4.14
C PRO B 11 39.03 -28.79 5.13
N GLU B 12 39.67 -28.62 6.29
CA GLU B 12 39.18 -27.66 7.28
C GLU B 12 39.42 -26.23 6.86
N VAL B 13 40.38 -25.99 5.95
CA VAL B 13 40.58 -24.65 5.41
C VAL B 13 39.78 -24.40 4.14
N MET B 14 39.58 -25.43 3.31
CA MET B 14 38.67 -25.27 2.19
C MET B 14 37.24 -25.07 2.66
N LEU B 15 36.87 -25.69 3.78
CA LEU B 15 35.55 -25.44 4.36
C LEU B 15 35.41 -23.99 4.80
N SER B 16 36.49 -23.41 5.34
CA SER B 16 36.44 -22.00 5.72
C SER B 16 36.38 -21.10 4.50
N ILE B 17 37.07 -21.49 3.42
CA ILE B 17 37.00 -20.70 2.18
C ILE B 17 35.60 -20.76 1.59
N PHE B 18 34.93 -21.91 1.69
CA PHE B 18 33.58 -22.05 1.16
C PHE B 18 32.55 -21.53 2.14
N SER B 19 32.73 -20.32 2.66
CA SER B 19 31.74 -19.69 3.51
C SER B 19 31.37 -18.29 3.08
N TYR B 20 32.23 -17.61 2.32
CA TYR B 20 31.90 -16.33 1.74
C TYR B 20 31.30 -16.47 0.34
N LEU B 21 30.83 -17.65 -0.01
CA LEU B 21 30.25 -17.93 -1.32
C LEU B 21 28.75 -18.16 -1.16
N ASN B 22 27.96 -17.45 -1.97
CA ASN B 22 26.53 -17.67 -1.98
C ASN B 22 26.23 -19.05 -2.56
N PRO B 23 25.04 -19.61 -2.28
CA PRO B 23 24.74 -20.97 -2.75
C PRO B 23 24.83 -21.16 -4.24
N GLN B 24 24.78 -20.09 -5.04
CA GLN B 24 24.97 -20.25 -6.48
C GLN B 24 26.43 -20.56 -6.80
N GLU B 25 27.36 -19.83 -6.16
CA GLU B 25 28.78 -20.15 -6.33
C GLU B 25 29.13 -21.45 -5.65
N LEU B 26 28.46 -21.78 -4.55
CA LEU B 26 28.71 -23.02 -3.85
C LEU B 26 28.34 -24.25 -4.67
N CYS B 27 27.43 -24.09 -5.63
CA CYS B 27 27.06 -25.19 -6.52
C CYS B 27 27.86 -25.16 -7.82
N ARG B 28 28.38 -24.00 -8.21
CA ARG B 28 29.32 -23.95 -9.31
C ARG B 28 30.63 -24.63 -8.92
N CYS B 29 31.13 -24.35 -7.72
CA CYS B 29 32.33 -25.04 -7.24
C CYS B 29 32.12 -26.53 -7.08
N SER B 30 30.87 -26.98 -6.93
CA SER B 30 30.58 -28.39 -6.70
C SER B 30 30.87 -29.26 -7.91
N GLN B 31 31.10 -28.67 -9.08
CA GLN B 31 31.41 -29.43 -10.28
C GLN B 31 32.78 -29.04 -10.83
N VAL B 32 33.74 -28.86 -9.94
CA VAL B 32 35.13 -28.62 -10.31
C VAL B 32 35.98 -29.88 -10.16
N SER B 33 35.90 -30.52 -9.00
CA SER B 33 36.60 -31.77 -8.74
C SER B 33 35.69 -32.70 -7.94
N MET B 34 36.11 -33.96 -7.83
CA MET B 34 35.35 -34.92 -7.05
C MET B 34 35.48 -34.68 -5.55
N LYS B 35 36.52 -33.96 -5.11
CA LYS B 35 36.65 -33.63 -3.71
C LYS B 35 35.75 -32.48 -3.33
N TRP B 36 35.74 -31.41 -4.15
CA TRP B 36 34.86 -30.29 -3.88
C TRP B 36 33.40 -30.69 -3.95
N SER B 37 33.06 -31.62 -4.87
CA SER B 37 31.68 -32.07 -5.00
C SER B 37 31.14 -32.65 -3.70
N GLN B 38 32.00 -33.31 -2.93
CA GLN B 38 31.62 -33.75 -1.59
C GLN B 38 31.89 -32.70 -0.53
N LEU B 39 32.69 -31.68 -0.87
CA LEU B 39 33.15 -30.70 0.10
C LEU B 39 32.29 -29.44 0.14
N THR B 40 31.46 -29.21 -0.88
CA THR B 40 30.53 -28.10 -0.87
C THR B 40 29.15 -28.50 -0.39
N LYS B 41 29.00 -29.72 0.14
CA LYS B 41 27.76 -30.21 0.71
C LYS B 41 28.00 -30.80 2.08
N THR B 42 28.80 -30.11 2.90
CA THR B 42 29.17 -30.66 4.20
C THR B 42 28.04 -30.48 5.21
N GLY B 43 27.35 -29.34 5.16
CA GLY B 43 26.27 -29.04 6.08
C GLY B 43 26.50 -27.76 6.87
N SER B 44 27.76 -27.42 7.13
CA SER B 44 28.08 -26.14 7.76
C SER B 44 27.99 -24.98 6.78
N LEU B 45 27.64 -25.24 5.53
CA LEU B 45 27.49 -24.22 4.52
C LEU B 45 26.06 -24.04 4.06
N TRP B 46 25.14 -24.89 4.52
CA TRP B 46 23.74 -24.87 4.14
C TRP B 46 22.85 -24.76 5.36
N LYS B 47 23.22 -23.89 6.29
CA LYS B 47 22.45 -23.74 7.52
C LYS B 47 21.20 -22.91 7.30
N HIS B 48 21.33 -21.79 6.61
CA HIS B 48 20.23 -20.87 6.35
C HIS B 48 19.94 -20.84 4.86
N LEU B 49 18.67 -21.00 4.50
CA LEU B 49 18.30 -21.06 3.09
C LEU B 49 17.00 -20.31 2.84
N TYR B 50 17.02 -19.45 1.83
CA TYR B 50 15.92 -18.53 1.53
C TYR B 50 15.46 -18.77 0.09
N PRO B 51 14.66 -19.81 -0.15
CA PRO B 51 14.33 -20.18 -1.53
C PRO B 51 13.51 -19.14 -2.28
N VAL B 52 12.99 -18.12 -1.61
CA VAL B 52 12.19 -17.09 -2.28
C VAL B 52 13.03 -15.87 -2.61
N HIS B 53 14.00 -15.54 -1.76
CA HIS B 53 14.93 -14.46 -2.09
C HIS B 53 15.93 -14.91 -3.14
N TRP B 54 16.29 -16.20 -3.15
CA TRP B 54 17.28 -16.68 -4.11
C TRP B 54 16.73 -16.65 -5.53
N ALA B 55 15.51 -17.13 -5.73
CA ALA B 55 14.93 -17.08 -7.06
C ALA B 55 14.33 -15.70 -7.30
N ARG B 56 15.12 -14.67 -6.95
CA ARG B 56 14.81 -13.29 -7.29
C ARG B 56 16.07 -12.51 -7.60
N GLY B 57 17.24 -13.13 -7.57
CA GLY B 57 18.51 -12.44 -7.70
C GLY B 57 19.23 -12.17 -6.39
N ASP B 58 18.60 -12.45 -5.26
CA ASP B 58 19.15 -12.13 -3.94
C ASP B 58 19.65 -13.43 -3.28
N TRP B 59 20.96 -13.64 -3.32
CA TRP B 59 21.56 -14.84 -2.74
C TRP B 59 22.16 -14.45 -1.38
N TYR B 60 21.29 -14.44 -0.37
CA TYR B 60 21.70 -13.93 0.93
C TYR B 60 22.45 -14.97 1.75
N SER B 61 21.79 -16.06 2.12
CA SER B 61 22.37 -17.09 2.98
C SER B 61 23.03 -16.49 4.21
N GLY B 62 22.22 -15.82 5.04
CA GLY B 62 22.71 -15.13 6.20
C GLY B 62 22.05 -15.61 7.48
N PRO B 63 22.38 -14.97 8.61
CA PRO B 63 21.93 -15.52 9.90
C PRO B 63 20.42 -15.50 10.09
N ALA B 64 19.73 -14.46 9.64
CA ALA B 64 18.28 -14.41 9.78
C ALA B 64 17.68 -13.34 8.87
N GLN B 112 7.74 -20.45 -12.21
CA GLN B 112 8.80 -19.44 -12.26
C GLN B 112 10.16 -20.11 -12.15
N MET B 113 11.18 -19.29 -11.92
CA MET B 113 12.46 -19.83 -11.44
C MET B 113 12.33 -20.38 -10.03
N GLU B 114 11.27 -20.01 -9.32
CA GLU B 114 11.13 -20.36 -7.91
C GLU B 114 10.77 -21.82 -7.71
N LYS B 115 9.90 -22.37 -8.56
CA LYS B 115 9.58 -23.79 -8.46
C LYS B 115 10.79 -24.66 -8.77
N ARG B 116 11.66 -24.19 -9.65
CA ARG B 116 12.87 -24.96 -9.97
C ARG B 116 13.80 -25.02 -8.77
N LEU B 117 13.90 -23.94 -8.00
CA LEU B 117 14.77 -23.96 -6.83
C LEU B 117 14.23 -24.91 -5.75
N LEU B 118 12.93 -24.86 -5.50
CA LEU B 118 12.37 -25.75 -4.50
C LEU B 118 12.34 -27.19 -4.95
N HIS B 119 12.38 -27.46 -6.25
CA HIS B 119 12.54 -28.83 -6.73
C HIS B 119 14.00 -29.25 -6.81
N GLY B 120 14.92 -28.31 -6.89
CA GLY B 120 16.33 -28.61 -6.91
C GLY B 120 16.86 -28.90 -5.53
N LEU B 121 16.75 -27.95 -4.61
CA LEU B 121 17.16 -28.21 -3.23
C LEU B 121 16.09 -28.94 -2.43
N ILE B 122 15.52 -29.99 -3.03
CA ILE B 122 14.71 -30.96 -2.31
C ILE B 122 15.07 -32.39 -2.68
N HIS B 123 15.75 -32.59 -3.80
CA HIS B 123 16.34 -33.85 -4.22
C HIS B 123 17.84 -33.78 -4.38
N ASN B 124 18.40 -32.59 -4.58
CA ASN B 124 19.83 -32.44 -4.85
C ASN B 124 20.64 -31.94 -3.66
N VAL B 125 20.00 -31.30 -2.68
CA VAL B 125 20.75 -30.70 -1.57
C VAL B 125 20.26 -31.24 -0.23
N LEU B 126 18.99 -31.03 0.08
CA LEU B 126 18.42 -31.38 1.37
C LEU B 126 18.62 -32.84 1.77
N PRO B 127 18.67 -33.80 0.84
CA PRO B 127 19.03 -35.17 1.26
C PRO B 127 20.46 -35.30 1.69
N TYR B 128 21.36 -34.48 1.17
CA TYR B 128 22.79 -34.65 1.43
C TYR B 128 23.29 -33.80 2.59
N VAL B 129 22.73 -32.61 2.79
CA VAL B 129 23.32 -31.69 3.75
C VAL B 129 23.27 -32.26 5.17
N GLY B 130 22.09 -32.66 5.67
CA GLY B 130 20.75 -32.31 5.20
C GLY B 130 19.98 -31.94 6.45
N THR B 131 20.53 -32.37 7.58
CA THR B 131 19.97 -32.16 8.91
C THR B 131 20.62 -30.97 9.61
N SER B 132 21.44 -30.19 8.91
CA SER B 132 22.12 -29.05 9.49
C SER B 132 21.52 -27.73 9.01
N VAL B 133 20.23 -27.74 8.67
CA VAL B 133 19.54 -26.54 8.20
C VAL B 133 18.96 -25.84 9.42
N LYS B 134 19.32 -24.56 9.58
CA LYS B 134 18.88 -23.78 10.74
C LYS B 134 17.60 -23.00 10.45
N THR B 135 17.59 -22.21 9.38
CA THR B 135 16.43 -21.40 9.05
C THR B 135 15.83 -21.84 7.72
N LEU B 136 14.59 -21.44 7.48
CA LEU B 136 13.91 -21.72 6.22
C LEU B 136 12.83 -20.66 6.05
N VAL B 137 13.10 -19.68 5.19
CA VAL B 137 12.23 -18.52 5.02
C VAL B 137 11.56 -18.65 3.66
N LEU B 138 10.28 -19.03 3.67
CA LEU B 138 9.48 -19.16 2.46
C LEU B 138 8.44 -18.04 2.37
N ALA B 139 8.81 -16.85 2.82
CA ALA B 139 7.84 -15.77 2.95
C ALA B 139 7.46 -15.19 1.60
N TYR B 140 6.16 -14.95 1.43
CA TYR B 140 5.62 -14.29 0.24
C TYR B 140 6.03 -15.04 -1.03
N SER B 141 5.75 -16.33 -1.05
CA SER B 141 6.17 -17.20 -2.14
C SER B 141 5.06 -17.34 -3.17
N SER B 142 5.45 -17.32 -4.45
CA SER B 142 4.47 -17.41 -5.52
C SER B 142 4.09 -18.86 -5.81
N ALA B 143 5.06 -19.78 -5.76
CA ALA B 143 4.81 -21.19 -6.07
C ALA B 143 5.39 -22.05 -4.94
N VAL B 144 4.61 -22.24 -3.89
CA VAL B 144 4.95 -23.12 -2.77
C VAL B 144 3.66 -23.76 -2.30
N SER B 145 3.54 -25.07 -2.46
CA SER B 145 2.33 -25.77 -2.07
C SER B 145 2.55 -26.51 -0.76
N SER B 146 1.46 -27.08 -0.25
CA SER B 146 1.54 -27.90 0.95
C SER B 146 2.31 -29.20 0.73
N LYS B 147 2.68 -29.51 -0.51
CA LYS B 147 3.48 -30.69 -0.80
C LYS B 147 4.97 -30.38 -0.81
N MET B 148 5.36 -29.23 -1.35
CA MET B 148 6.76 -28.84 -1.33
C MET B 148 7.25 -28.41 0.04
N VAL B 149 6.36 -28.38 1.04
CA VAL B 149 6.75 -27.99 2.39
C VAL B 149 6.76 -29.24 3.25
N ARG B 150 5.83 -30.16 2.99
CA ARG B 150 5.85 -31.44 3.69
C ARG B 150 7.10 -32.24 3.41
N GLN B 151 7.80 -31.95 2.31
CA GLN B 151 9.02 -32.66 1.96
C GLN B 151 10.29 -31.93 2.36
N ILE B 152 10.21 -30.64 2.69
CA ILE B 152 11.34 -29.94 3.27
C ILE B 152 11.38 -30.12 4.78
N LEU B 153 10.21 -30.06 5.44
CA LEU B 153 10.15 -30.26 6.88
C LEU B 153 10.41 -31.70 7.29
N GLU B 154 10.50 -32.63 6.34
CA GLU B 154 10.87 -33.99 6.65
C GLU B 154 12.37 -34.24 6.55
N LEU B 155 13.11 -33.32 5.91
CA LEU B 155 14.55 -33.44 5.78
C LEU B 155 15.31 -32.45 6.66
N CYS B 156 14.63 -31.51 7.31
CA CYS B 156 15.25 -30.53 8.20
C CYS B 156 14.70 -30.75 9.60
N PRO B 157 15.31 -31.64 10.39
CA PRO B 157 14.84 -31.87 11.77
C PRO B 157 15.46 -30.95 12.80
N ASN B 158 16.54 -30.24 12.45
CA ASN B 158 17.19 -29.30 13.35
C ASN B 158 16.89 -27.86 12.94
N LEU B 159 15.67 -27.63 12.47
CA LEU B 159 15.26 -26.30 12.03
C LEU B 159 15.08 -25.40 13.24
N GLU B 160 15.41 -24.11 13.06
CA GLU B 160 15.30 -23.13 14.13
C GLU B 160 14.38 -21.97 13.80
N HIS B 161 14.14 -21.68 12.53
CA HIS B 161 13.43 -20.45 12.15
C HIS B 161 12.62 -20.76 10.89
N LEU B 162 11.36 -21.13 11.09
CA LEU B 162 10.42 -21.21 9.98
C LEU B 162 9.83 -19.85 9.68
N ASP B 163 9.50 -19.63 8.41
CA ASP B 163 8.90 -18.37 7.99
C ASP B 163 8.02 -18.67 6.78
N LEU B 164 6.72 -18.81 7.02
CA LEU B 164 5.76 -19.17 5.99
C LEU B 164 4.69 -18.10 5.83
N THR B 165 5.08 -16.83 5.86
CA THR B 165 4.09 -15.76 5.77
C THR B 165 3.54 -15.67 4.36
N GLN B 166 2.21 -15.61 4.25
CA GLN B 166 1.52 -15.41 2.98
C GLN B 166 1.89 -16.49 1.97
N THR B 167 1.67 -17.74 2.35
CA THR B 167 1.90 -18.88 1.48
C THR B 167 0.62 -19.70 1.39
N ASP B 168 0.42 -20.32 0.23
CA ASP B 168 -0.72 -21.21 0.04
C ASP B 168 -0.43 -22.52 0.76
N ILE B 169 -0.46 -22.45 2.09
CA ILE B 169 -0.10 -23.56 2.96
C ILE B 169 -1.35 -23.98 3.72
N SER B 170 -1.61 -25.28 3.75
CA SER B 170 -2.68 -25.85 4.54
C SER B 170 -2.10 -26.58 5.75
N ASP B 171 -2.98 -27.06 6.60
CA ASP B 171 -2.58 -27.79 7.79
C ASP B 171 -2.14 -29.23 7.48
N SER B 172 -1.94 -29.54 6.20
CA SER B 172 -1.33 -30.79 5.78
C SER B 172 0.14 -30.65 5.43
N ALA B 173 0.67 -29.42 5.40
CA ALA B 173 2.09 -29.18 5.20
C ALA B 173 2.92 -29.54 6.43
N PHE B 174 2.28 -29.95 7.51
CA PHE B 174 2.97 -30.36 8.73
C PHE B 174 2.72 -31.83 9.04
N ASP B 175 2.35 -32.63 8.04
CA ASP B 175 2.09 -34.04 8.26
C ASP B 175 3.36 -34.81 8.56
N SER B 176 4.52 -34.32 8.11
CA SER B 176 5.79 -34.96 8.40
C SER B 176 6.21 -34.78 9.85
N TRP B 177 5.50 -33.97 10.63
CA TRP B 177 5.88 -33.66 12.00
C TRP B 177 5.08 -34.53 12.97
N SER B 178 5.37 -35.84 12.97
CA SER B 178 4.78 -36.71 13.98
C SER B 178 5.83 -37.70 14.52
N TRP B 179 6.65 -37.26 15.49
CA TRP B 179 7.20 -38.19 16.46
C TRP B 179 7.40 -37.54 17.83
N LEU B 180 6.67 -36.46 18.14
CA LEU B 180 6.73 -35.76 19.42
C LEU B 180 8.15 -35.24 19.70
N GLY B 181 8.54 -34.27 18.90
CA GLY B 181 9.86 -33.68 19.02
C GLY B 181 10.52 -33.54 17.67
N CYS B 182 9.70 -33.61 16.62
CA CYS B 182 10.20 -33.64 15.25
C CYS B 182 11.16 -32.51 14.97
N CYS B 183 10.68 -31.27 15.06
CA CYS B 183 11.53 -30.09 14.91
C CYS B 183 11.52 -29.35 16.24
N GLN B 184 12.33 -29.82 17.18
CA GLN B 184 12.52 -29.10 18.42
C GLN B 184 13.66 -28.12 18.22
N SER B 185 14.06 -27.42 19.27
CA SER B 185 15.02 -26.32 19.14
C SER B 185 14.55 -25.31 18.10
N LEU B 186 13.24 -25.22 17.90
CA LEU B 186 12.64 -24.26 16.98
C LEU B 186 12.37 -22.98 17.75
N ARG B 187 12.97 -21.88 17.31
CA ARG B 187 12.90 -20.60 18.00
C ARG B 187 11.85 -19.66 17.43
N HIS B 188 11.69 -19.64 16.13
CA HIS B 188 10.85 -18.66 15.45
C HIS B 188 9.92 -19.37 14.49
N LEU B 189 8.63 -19.04 14.55
CA LEU B 189 7.63 -19.68 13.70
C LEU B 189 6.63 -18.61 13.27
N ASP B 190 6.72 -18.20 12.01
CA ASP B 190 5.93 -17.12 11.45
C ASP B 190 4.95 -17.68 10.44
N LEU B 191 3.69 -17.78 10.83
CA LEU B 191 2.61 -18.27 9.97
C LEU B 191 1.62 -17.16 9.65
N SER B 192 2.10 -15.93 9.48
CA SER B 192 1.22 -14.78 9.34
C SER B 192 0.65 -14.73 7.93
N GLY B 193 -0.62 -15.07 7.79
CA GLY B 193 -1.31 -15.04 6.51
C GLY B 193 -1.79 -16.39 6.02
N CYS B 194 -1.35 -17.49 6.62
CA CYS B 194 -1.81 -18.82 6.24
C CYS B 194 -3.22 -19.03 6.79
N GLU B 195 -4.18 -18.40 6.11
CA GLU B 195 -5.56 -18.43 6.57
C GLU B 195 -6.19 -19.81 6.46
N LYS B 196 -5.54 -20.76 5.80
CA LYS B 196 -6.09 -22.10 5.62
C LYS B 196 -5.76 -23.04 6.77
N ILE B 197 -4.89 -22.65 7.70
CA ILE B 197 -4.53 -23.55 8.78
C ILE B 197 -5.58 -23.45 9.88
N THR B 198 -6.08 -24.61 10.29
CA THR B 198 -7.02 -24.70 11.39
C THR B 198 -6.25 -25.01 12.67
N ASP B 199 -6.96 -25.41 13.72
CA ASP B 199 -6.32 -25.84 14.96
C ASP B 199 -5.78 -27.26 14.88
N VAL B 200 -5.65 -27.81 13.67
CA VAL B 200 -4.99 -29.09 13.48
C VAL B 200 -3.51 -28.90 13.15
N ALA B 201 -3.16 -27.79 12.50
CA ALA B 201 -1.75 -27.45 12.33
C ALA B 201 -1.09 -27.17 13.66
N LEU B 202 -1.83 -26.60 14.61
CA LEU B 202 -1.27 -26.32 15.93
C LEU B 202 -1.18 -27.56 16.80
N GLU B 203 -1.91 -28.62 16.48
CA GLU B 203 -1.73 -29.88 17.17
C GLU B 203 -0.49 -30.61 16.70
N LYS B 204 -0.01 -30.31 15.50
CA LYS B 204 1.26 -30.85 15.02
C LYS B 204 2.43 -29.95 15.37
N ILE B 205 2.19 -28.65 15.51
CA ILE B 205 3.25 -27.75 15.97
C ILE B 205 3.49 -27.92 17.47
N SER B 206 2.41 -28.10 18.24
CA SER B 206 2.56 -28.33 19.67
C SER B 206 3.10 -29.72 19.98
N ARG B 207 3.13 -30.62 19.00
CA ARG B 207 3.79 -31.90 19.16
C ARG B 207 5.22 -31.88 18.62
N ALA B 208 5.46 -31.10 17.57
CA ALA B 208 6.78 -31.00 16.98
C ALA B 208 7.69 -30.04 17.71
N LEU B 209 7.38 -29.69 18.96
CA LEU B 209 8.28 -28.89 19.78
C LEU B 209 8.89 -29.67 20.92
N GLY B 210 8.22 -30.73 21.39
CA GLY B 210 8.79 -31.62 22.37
C GLY B 210 8.22 -31.45 23.76
N ILE B 211 9.07 -31.66 24.76
CA ILE B 211 8.72 -31.45 26.16
C ILE B 211 9.86 -30.66 26.81
N LEU B 212 9.65 -30.32 28.07
CA LEU B 212 10.66 -29.56 28.81
C LEU B 212 11.57 -30.48 29.60
N GLY B 398 13.75 -28.34 24.03
CA GLY B 398 12.32 -28.55 23.92
C GLY B 398 11.50 -27.37 24.38
N ARG B 399 10.49 -27.01 23.58
CA ARG B 399 9.59 -25.89 23.88
C ARG B 399 10.34 -24.58 24.03
N VAL B 400 11.34 -24.36 23.18
CA VAL B 400 12.16 -23.17 23.27
C VAL B 400 11.69 -22.09 22.31
N LEU B 401 10.45 -22.18 21.84
CA LEU B 401 9.91 -21.20 20.92
C LEU B 401 9.97 -19.79 21.52
N LEU B 402 10.44 -18.84 20.72
CA LEU B 402 10.62 -17.46 21.14
C LEU B 402 9.75 -16.49 20.35
N PHE B 403 8.88 -17.00 19.50
CA PHE B 403 8.16 -16.17 18.53
C PHE B 403 7.05 -17.02 17.94
N LEU B 404 5.86 -16.42 17.82
CA LEU B 404 4.71 -17.12 17.25
C LEU B 404 3.80 -16.06 16.66
N SER B 405 3.60 -16.10 15.35
CA SER B 405 2.98 -15.01 14.62
C SER B 405 1.78 -15.48 13.83
N LEU B 406 0.84 -16.15 14.48
CA LEU B 406 -0.36 -16.62 13.80
C LEU B 406 -1.25 -15.44 13.47
N SER B 407 -0.77 -14.53 12.62
CA SER B 407 -1.42 -13.24 12.40
C SER B 407 -2.23 -13.28 11.12
N GLY B 408 -3.44 -13.82 11.23
CA GLY B 408 -4.32 -13.89 10.08
C GLY B 408 -4.99 -15.24 9.99
N CYS B 409 -4.49 -16.21 10.74
CA CYS B 409 -5.04 -17.56 10.76
C CYS B 409 -6.33 -17.52 11.56
N TYR B 410 -7.37 -16.98 10.93
CA TYR B 410 -8.65 -16.73 11.59
C TYR B 410 -9.42 -17.98 11.85
N GLN B 411 -8.88 -19.18 11.68
CA GLN B 411 -9.64 -20.40 11.90
C GLN B 411 -9.19 -21.16 13.14
N ILE B 412 -8.26 -20.63 13.91
CA ILE B 412 -7.83 -21.29 15.14
C ILE B 412 -8.74 -20.86 16.28
N THR B 413 -8.98 -21.78 17.20
CA THR B 413 -9.94 -21.53 18.28
C THR B 413 -9.30 -21.80 19.64
N ASP B 414 -10.12 -21.82 20.69
CA ASP B 414 -9.60 -22.06 22.04
C ASP B 414 -8.88 -23.40 22.15
N HIS B 415 -9.26 -24.39 21.35
CA HIS B 415 -8.52 -25.64 21.34
C HIS B 415 -7.19 -25.53 20.61
N GLY B 416 -7.08 -24.59 19.67
CA GLY B 416 -5.80 -24.35 19.02
C GLY B 416 -4.77 -23.71 19.91
N LEU B 417 -5.19 -23.11 21.01
CA LEU B 417 -4.26 -22.52 21.99
C LEU B 417 -4.15 -23.33 23.26
N ARG B 418 -5.20 -24.05 23.65
CA ARG B 418 -5.09 -24.95 24.79
C ARG B 418 -4.19 -26.15 24.49
N VAL B 419 -3.87 -26.39 23.22
CA VAL B 419 -2.98 -27.49 22.88
C VAL B 419 -1.51 -27.05 22.87
N LEU B 420 -1.25 -25.77 22.63
CA LEU B 420 0.12 -25.27 22.72
C LEU B 420 0.62 -25.25 24.15
N THR B 421 -0.28 -25.24 25.14
CA THR B 421 0.12 -25.28 26.55
C THR B 421 0.14 -26.71 27.07
N LEU B 422 0.83 -27.60 26.37
CA LEU B 422 0.93 -29.00 26.74
C LEU B 422 2.38 -29.39 26.88
N GLY B 423 2.67 -30.27 27.83
CA GLY B 423 4.07 -30.65 28.08
C GLY B 423 4.86 -29.58 28.79
N GLY B 424 4.73 -28.34 28.35
CA GLY B 424 5.44 -27.22 28.93
C GLY B 424 4.57 -26.40 29.86
N GLY B 425 4.00 -25.31 29.37
CA GLY B 425 4.04 -24.97 27.96
C GLY B 425 5.24 -24.15 27.53
N LEU B 426 5.00 -23.11 26.74
CA LEU B 426 6.07 -22.30 26.19
C LEU B 426 6.65 -21.39 27.26
N PRO B 427 7.85 -21.65 27.80
CA PRO B 427 8.39 -20.80 28.85
C PRO B 427 9.36 -19.74 28.37
N TYR B 428 9.70 -19.72 27.08
CA TYR B 428 10.60 -18.72 26.53
C TYR B 428 9.91 -17.78 25.55
N LEU B 429 8.62 -17.96 25.33
CA LEU B 429 7.90 -17.16 24.34
C LEU B 429 7.88 -15.70 24.76
N GLU B 430 8.45 -14.83 23.94
CA GLU B 430 8.49 -13.40 24.22
C GLU B 430 7.74 -12.58 23.18
N HIS B 431 6.95 -13.23 22.32
CA HIS B 431 6.25 -12.54 21.24
C HIS B 431 5.14 -13.46 20.78
N LEU B 432 3.89 -13.00 20.85
CA LEU B 432 2.74 -13.82 20.51
C LEU B 432 1.76 -12.94 19.72
N ASN B 433 1.90 -12.96 18.41
CA ASN B 433 1.06 -12.16 17.52
C ASN B 433 -0.13 -13.00 17.09
N LEU B 434 -1.23 -12.87 17.82
CA LEU B 434 -2.50 -13.49 17.46
C LEU B 434 -3.46 -12.49 16.83
N SER B 435 -2.92 -11.48 16.16
CA SER B 435 -3.72 -10.35 15.68
C SER B 435 -4.38 -10.74 14.37
N GLY B 436 -5.61 -11.24 14.46
CA GLY B 436 -6.33 -11.68 13.29
C GLY B 436 -7.14 -12.91 13.56
N CYS B 437 -6.74 -13.70 14.55
CA CYS B 437 -7.56 -14.81 14.99
C CYS B 437 -8.76 -14.25 15.73
N LEU B 438 -9.85 -14.03 15.01
CA LEU B 438 -11.03 -13.36 15.53
C LEU B 438 -12.02 -14.29 16.18
N THR B 439 -11.73 -15.59 16.25
CA THR B 439 -12.65 -16.57 16.79
C THR B 439 -12.14 -17.25 18.05
N ILE B 440 -11.05 -16.76 18.62
CA ILE B 440 -10.64 -17.21 19.94
C ILE B 440 -11.40 -16.41 21.01
N THR B 441 -11.47 -16.97 22.20
CA THR B 441 -12.15 -16.31 23.32
C THR B 441 -11.13 -15.99 24.41
N GLY B 442 -11.36 -14.89 25.11
CA GLY B 442 -10.48 -14.49 26.19
C GLY B 442 -10.32 -15.53 27.27
N ALA B 443 -11.29 -16.43 27.43
CA ALA B 443 -11.15 -17.51 28.40
C ALA B 443 -10.14 -18.55 27.93
N GLY B 444 -10.04 -18.76 26.61
CA GLY B 444 -9.04 -19.65 26.05
C GLY B 444 -7.71 -18.99 25.76
N LEU B 445 -7.66 -17.67 25.79
CA LEU B 445 -6.41 -16.93 25.67
C LEU B 445 -5.78 -16.65 27.03
N GLN B 446 -6.60 -16.56 28.08
CA GLN B 446 -6.06 -16.51 29.42
C GLN B 446 -5.28 -17.77 29.76
N ASP B 447 -5.79 -18.93 29.34
CA ASP B 447 -5.09 -20.18 29.59
C ASP B 447 -3.77 -20.23 28.82
N LEU B 448 -3.72 -19.60 27.65
CA LEU B 448 -2.46 -19.55 26.92
C LEU B 448 -1.46 -18.63 27.59
N VAL B 449 -1.91 -17.44 28.00
CA VAL B 449 -0.99 -16.47 28.61
C VAL B 449 -0.52 -16.95 29.97
N SER B 450 -1.33 -17.74 30.68
CA SER B 450 -0.89 -18.27 31.97
C SER B 450 0.18 -19.34 31.83
N ALA B 451 0.62 -19.66 30.61
CA ALA B 451 1.65 -20.67 30.38
C ALA B 451 2.80 -20.13 29.54
N CYS B 452 2.89 -18.81 29.37
CA CYS B 452 4.02 -18.17 28.70
C CYS B 452 4.59 -17.10 29.63
N PRO B 453 5.31 -17.52 30.67
CA PRO B 453 5.77 -16.55 31.69
C PRO B 453 6.70 -15.47 31.17
N SER B 454 7.41 -15.71 30.07
CA SER B 454 8.36 -14.73 29.55
C SER B 454 7.73 -13.81 28.51
N LEU B 455 6.42 -13.84 28.36
CA LEU B 455 5.76 -13.08 27.30
C LEU B 455 5.85 -11.59 27.54
N ASN B 456 6.55 -10.90 26.65
CA ASN B 456 6.55 -9.45 26.62
C ASN B 456 5.16 -8.97 26.22
N ASP B 457 4.64 -7.93 26.88
CA ASP B 457 3.30 -7.45 26.60
C ASP B 457 3.25 -6.39 25.51
N GLU B 458 4.36 -5.72 25.21
CA GLU B 458 4.41 -4.88 24.04
C GLU B 458 4.24 -5.67 22.76
N TYR B 459 4.56 -6.97 22.79
CA TYR B 459 4.48 -7.85 21.64
C TYR B 459 3.42 -8.92 21.86
N PHE B 460 2.31 -8.56 22.49
CA PHE B 460 1.16 -9.44 22.66
C PHE B 460 -0.02 -8.78 21.95
N TYR B 461 -0.21 -9.13 20.68
CA TYR B 461 -1.29 -8.61 19.86
C TYR B 461 -2.43 -9.61 19.81
N TYR B 462 -3.66 -9.12 19.79
CA TYR B 462 -4.79 -9.99 19.53
C TYR B 462 -6.00 -9.14 19.16
N CYS B 463 -7.17 -9.77 19.10
CA CYS B 463 -8.39 -9.12 18.63
C CYS B 463 -8.76 -7.94 19.51
N ASP B 464 -9.29 -6.89 18.87
CA ASP B 464 -9.75 -5.74 19.63
C ASP B 464 -11.10 -5.98 20.28
N ASN B 465 -11.97 -6.77 19.63
CA ASN B 465 -13.30 -7.06 20.16
C ASN B 465 -13.29 -8.30 21.05
N ILE B 466 -12.39 -8.31 22.03
CA ILE B 466 -12.25 -9.44 22.94
C ILE B 466 -11.68 -8.93 24.25
N ASN B 467 -11.91 -9.69 25.32
CA ASN B 467 -11.59 -9.23 26.66
C ASN B 467 -10.49 -10.08 27.30
N GLY B 468 -9.44 -10.37 26.56
CA GLY B 468 -8.37 -11.21 27.04
C GLY B 468 -7.58 -10.59 28.18
N PRO B 469 -6.44 -11.19 28.50
CA PRO B 469 -5.64 -10.72 29.63
C PRO B 469 -4.78 -9.53 29.24
N HIS B 470 -4.18 -8.91 30.26
CA HIS B 470 -3.27 -7.79 30.08
C HIS B 470 -3.90 -6.69 29.24
N ALA B 471 -5.19 -6.44 29.48
CA ALA B 471 -5.93 -5.48 28.65
C ALA B 471 -5.34 -4.09 28.72
N ASP B 472 -4.76 -3.73 29.86
CA ASP B 472 -4.18 -2.40 30.05
C ASP B 472 -2.70 -2.34 29.70
N THR B 473 -2.12 -3.46 29.26
CA THR B 473 -0.72 -3.48 28.86
C THR B 473 -0.45 -4.11 27.51
N ALA B 474 -1.28 -5.04 27.04
CA ALA B 474 -1.05 -5.70 25.76
C ALA B 474 -1.33 -4.74 24.62
N SER B 475 -1.26 -5.23 23.39
CA SER B 475 -1.52 -4.43 22.21
C SER B 475 -2.80 -4.90 21.54
N GLY B 476 -3.17 -4.23 20.45
CA GLY B 476 -4.33 -4.58 19.68
C GLY B 476 -3.96 -5.20 18.34
N CYS B 477 -5.00 -5.64 17.62
CA CYS B 477 -4.81 -6.24 16.32
C CYS B 477 -4.00 -5.34 15.40
N GLN B 478 -3.11 -5.95 14.62
CA GLN B 478 -2.29 -5.24 13.66
C GLN B 478 -2.85 -5.30 12.24
N ASN B 479 -3.99 -5.96 12.04
CA ASN B 479 -4.59 -6.13 10.73
C ASN B 479 -5.70 -5.13 10.45
N LEU B 480 -5.74 -4.03 11.18
CA LEU B 480 -6.72 -2.98 10.87
C LEU B 480 -6.29 -2.26 9.60
N GLN B 481 -7.26 -1.97 8.73
CA GLN B 481 -7.00 -1.32 7.45
C GLN B 481 -6.00 -2.11 6.62
N CYS B 482 -6.05 -3.43 6.71
CA CYS B 482 -5.14 -4.31 6.00
C CYS B 482 -5.95 -5.30 5.18
N GLY B 483 -5.69 -5.34 3.88
CA GLY B 483 -6.39 -6.27 3.00
C GLY B 483 -5.71 -7.63 2.95
N PHE B 484 -4.42 -7.64 3.27
CA PHE B 484 -3.65 -8.87 3.20
C PHE B 484 -4.12 -9.88 4.24
N ARG B 485 -4.20 -9.47 5.49
CA ARG B 485 -4.47 -10.37 6.60
C ARG B 485 -5.90 -10.21 7.10
N ALA B 486 -6.40 -11.28 7.72
CA ALA B 486 -7.78 -11.31 8.17
C ALA B 486 -8.00 -10.38 9.36
N CYS B 487 -9.23 -9.91 9.48
CA CYS B 487 -9.59 -8.94 10.51
C CYS B 487 -11.10 -8.95 10.69
N CYS B 488 -11.55 -8.89 11.94
CA CYS B 488 -12.98 -8.90 12.21
C CYS B 488 -13.64 -7.56 11.91
N ARG B 489 -12.84 -6.50 11.75
CA ARG B 489 -13.38 -5.18 11.44
C ARG B 489 -12.44 -4.50 10.45
N SER B 490 -12.93 -3.42 9.84
CA SER B 490 -12.17 -2.72 8.82
C SER B 490 -11.22 -1.68 9.38
N GLY B 491 -11.53 -1.10 10.53
CA GLY B 491 -10.69 -0.05 11.09
C GLY B 491 -10.60 1.18 10.22
N GLU B 492 -11.61 1.42 9.39
CA GLU B 492 -11.62 2.57 8.50
C GLU B 492 -12.39 3.72 9.12
N PRO C 2 59.61 -9.62 26.18
CA PRO C 2 60.90 -9.20 25.63
C PRO C 2 61.03 -9.53 24.14
N SER C 3 61.65 -10.67 23.83
CA SER C 3 61.81 -11.13 22.46
C SER C 3 61.84 -12.66 22.45
N ILE C 4 61.06 -13.24 21.53
CA ILE C 4 60.98 -14.69 21.39
C ILE C 4 61.68 -15.07 20.08
N LYS C 5 62.33 -16.23 20.07
CA LYS C 5 63.15 -16.67 18.95
C LYS C 5 62.43 -17.80 18.22
N LEU C 6 62.06 -17.57 16.96
CA LEU C 6 61.37 -18.54 16.12
C LEU C 6 62.33 -19.03 15.04
N GLN C 7 62.47 -20.34 14.92
CA GLN C 7 63.36 -20.95 13.94
C GLN C 7 62.54 -21.51 12.79
N SER C 8 62.92 -21.15 11.57
CA SER C 8 62.21 -21.60 10.38
C SER C 8 62.67 -23.00 10.00
N SER C 9 62.27 -23.46 8.81
CA SER C 9 62.65 -24.79 8.35
C SER C 9 64.06 -24.82 7.79
N ASP C 10 64.55 -23.69 7.28
CA ASP C 10 65.84 -23.61 6.61
C ASP C 10 66.98 -23.26 7.56
N GLY C 11 66.83 -23.53 8.85
CA GLY C 11 67.90 -23.32 9.81
C GLY C 11 68.07 -21.90 10.29
N GLU C 12 67.29 -20.95 9.79
CA GLU C 12 67.43 -19.57 10.20
C GLU C 12 66.55 -19.30 11.43
N ILE C 13 67.02 -18.39 12.28
CA ILE C 13 66.34 -18.04 13.53
C ILE C 13 65.82 -16.62 13.41
N PHE C 14 64.58 -16.41 13.84
CA PHE C 14 63.93 -15.11 13.76
C PHE C 14 63.50 -14.64 15.15
N GLU C 15 63.79 -13.38 15.44
CA GLU C 15 63.42 -12.76 16.72
C GLU C 15 62.24 -11.83 16.52
N VAL C 16 61.31 -11.85 17.47
CA VAL C 16 60.13 -10.99 17.45
C VAL C 16 59.63 -10.83 18.87
N ASP C 17 58.82 -9.79 19.10
CA ASP C 17 58.30 -9.50 20.42
C ASP C 17 57.22 -10.52 20.80
N VAL C 18 57.01 -10.65 22.11
CA VAL C 18 56.06 -11.65 22.63
C VAL C 18 54.63 -11.26 22.30
N GLU C 19 54.32 -9.97 22.36
CA GLU C 19 52.96 -9.52 22.01
C GLU C 19 52.62 -9.84 20.57
N ILE C 20 53.63 -9.87 19.69
CA ILE C 20 53.42 -10.32 18.32
C ILE C 20 52.99 -11.79 18.32
N ALA C 21 53.76 -12.65 18.99
CA ALA C 21 53.42 -14.05 19.10
C ALA C 21 52.25 -14.31 20.05
N LYS C 22 51.69 -13.27 20.66
CA LYS C 22 50.50 -13.47 21.50
C LYS C 22 49.27 -13.73 20.64
N GLN C 23 49.24 -13.20 19.42
CA GLN C 23 48.13 -13.49 18.53
C GLN C 23 48.19 -14.92 17.99
N SER C 24 49.38 -15.49 17.89
CA SER C 24 49.53 -16.89 17.51
C SER C 24 49.04 -17.76 18.64
N VAL C 25 47.82 -18.30 18.49
CA VAL C 25 47.20 -19.05 19.58
C VAL C 25 48.04 -20.27 19.95
N THR C 26 48.60 -20.95 18.94
CA THR C 26 49.41 -22.13 19.24
C THR C 26 50.70 -21.74 19.97
N ILE C 27 51.30 -20.60 19.62
CA ILE C 27 52.50 -20.16 20.31
C ILE C 27 52.15 -19.59 21.69
N LYS C 28 51.03 -18.87 21.79
CA LYS C 28 50.59 -18.38 23.08
C LYS C 28 50.32 -19.52 24.04
N THR C 29 49.82 -20.65 23.54
CA THR C 29 49.65 -21.84 24.38
C THR C 29 50.95 -22.61 24.55
N MET C 30 51.92 -22.42 23.66
CA MET C 30 53.23 -23.04 23.80
C MET C 30 54.24 -22.17 24.53
N LEU C 31 53.82 -21.00 25.02
CA LEU C 31 54.69 -20.11 25.77
C LEU C 31 54.27 -19.96 27.23
N GLU C 32 53.19 -20.63 27.64
CA GLU C 32 52.74 -20.59 29.03
C GLU C 32 52.93 -21.92 29.74
N ASP C 33 53.58 -22.89 29.10
CA ASP C 33 53.83 -24.20 29.70
C ASP C 33 55.31 -24.50 29.87
N LEU C 34 56.14 -24.13 28.90
CA LEU C 34 57.58 -24.39 28.95
C LEU C 34 58.38 -23.18 29.40
N GLY C 35 57.83 -21.98 29.24
CA GLY C 35 58.53 -20.77 29.65
C GLY C 35 59.68 -20.41 28.73
N ASP C 43 63.32 -19.39 24.92
CA ASP C 43 63.30 -18.49 23.78
C ASP C 43 63.50 -19.20 22.43
N PRO C 44 64.51 -20.08 22.29
CA PRO C 44 64.74 -20.72 20.98
C PRO C 44 63.72 -21.82 20.69
N VAL C 45 62.56 -21.46 20.17
CA VAL C 45 61.53 -22.42 19.79
C VAL C 45 61.59 -22.63 18.28
N PRO C 46 61.58 -23.87 17.79
CA PRO C 46 61.62 -24.11 16.35
C PRO C 46 60.24 -24.24 15.73
N LEU C 47 60.15 -23.81 14.46
CA LEU C 47 58.94 -23.96 13.65
C LEU C 47 59.35 -24.61 12.32
N PRO C 48 59.35 -25.94 12.24
CA PRO C 48 59.81 -26.61 11.02
C PRO C 48 58.77 -26.74 9.93
N ASN C 49 57.58 -26.15 10.10
CA ASN C 49 56.51 -26.28 9.12
C ASN C 49 56.29 -25.03 8.29
N VAL C 50 57.02 -23.95 8.55
CA VAL C 50 56.88 -22.70 7.80
C VAL C 50 58.27 -22.27 7.33
N ASN C 51 58.38 -21.96 6.05
CA ASN C 51 59.65 -21.50 5.49
C ASN C 51 59.83 -20.01 5.77
N ALA C 52 61.11 -19.59 5.73
CA ALA C 52 61.44 -18.20 6.00
C ALA C 52 60.81 -17.26 4.98
N ALA C 53 60.70 -17.71 3.72
CA ALA C 53 60.05 -16.89 2.70
C ALA C 53 58.59 -16.64 3.00
N ILE C 54 57.98 -17.47 3.85
CA ILE C 54 56.63 -17.21 4.33
C ILE C 54 56.63 -16.59 5.73
N LEU C 55 57.66 -16.86 6.55
CA LEU C 55 57.74 -16.20 7.85
C LEU C 55 57.90 -14.70 7.69
N LYS C 56 58.68 -14.27 6.70
CA LYS C 56 58.89 -12.84 6.48
C LYS C 56 57.58 -12.12 6.17
N LYS C 57 56.61 -12.82 5.60
CA LYS C 57 55.32 -12.21 5.28
C LYS C 57 54.32 -12.37 6.42
N VAL C 58 54.32 -13.51 7.10
CA VAL C 58 53.36 -13.69 8.20
C VAL C 58 53.72 -12.78 9.36
N ILE C 59 55.01 -12.59 9.64
CA ILE C 59 55.39 -11.68 10.71
C ILE C 59 55.12 -10.24 10.28
N GLN C 60 55.24 -9.94 8.98
CA GLN C 60 54.93 -8.59 8.50
C GLN C 60 53.46 -8.28 8.68
N TRP C 61 52.58 -9.26 8.42
CA TRP C 61 51.16 -9.03 8.67
C TRP C 61 50.88 -8.97 10.16
N CYS C 62 51.53 -9.82 10.95
CA CYS C 62 51.22 -9.92 12.37
C CYS C 62 51.65 -8.68 13.14
N THR C 63 52.75 -8.04 12.73
CA THR C 63 53.18 -6.82 13.40
C THR C 63 52.30 -5.63 13.06
N HIS C 64 51.57 -5.67 11.93
CA HIS C 64 50.66 -4.59 11.60
C HIS C 64 49.44 -4.61 12.53
N HIS C 65 49.06 -5.79 13.01
CA HIS C 65 47.91 -5.96 13.89
C HIS C 65 48.32 -6.17 15.33
N LYS C 66 49.35 -5.47 15.79
CA LYS C 66 49.82 -5.56 17.16
C LYS C 66 48.83 -4.97 18.17
N ASP C 67 47.79 -4.30 17.70
CA ASP C 67 46.80 -3.70 18.59
C ASP C 67 46.07 -4.75 19.41
N ILE C 85 37.40 -5.90 3.73
CA ILE C 85 38.85 -6.12 3.78
C ILE C 85 39.58 -4.78 3.78
N PRO C 86 40.51 -4.61 4.72
CA PRO C 86 41.36 -3.42 4.71
C PRO C 86 42.17 -3.34 3.43
N VAL C 87 42.54 -2.11 3.06
CA VAL C 87 43.27 -1.91 1.81
C VAL C 87 44.72 -2.35 1.96
N TRP C 88 45.30 -2.22 3.16
CA TRP C 88 46.65 -2.72 3.37
C TRP C 88 46.71 -4.23 3.20
N ASP C 89 45.70 -4.95 3.69
CA ASP C 89 45.62 -6.38 3.45
C ASP C 89 45.41 -6.68 1.98
N GLN C 90 44.58 -5.86 1.31
CA GLN C 90 44.33 -6.08 -0.11
C GLN C 90 45.60 -5.94 -0.94
N GLU C 91 46.48 -5.02 -0.56
CA GLU C 91 47.73 -4.88 -1.30
C GLU C 91 48.78 -5.89 -0.84
N PHE C 92 48.73 -6.31 0.41
CA PHE C 92 49.69 -7.30 0.90
C PHE C 92 49.37 -8.70 0.36
N LEU C 93 48.09 -9.00 0.15
CA LEU C 93 47.66 -10.29 -0.40
C LEU C 93 47.53 -10.24 -1.92
N LYS C 94 48.59 -9.79 -2.60
CA LYS C 94 48.67 -9.81 -4.07
C LYS C 94 50.01 -10.42 -4.44
N VAL C 95 50.05 -11.75 -4.48
CA VAL C 95 51.24 -12.52 -4.79
C VAL C 95 50.82 -13.75 -5.58
N ASP C 96 51.80 -14.55 -5.98
CA ASP C 96 51.50 -15.79 -6.69
C ASP C 96 50.76 -16.75 -5.78
N GLN C 97 49.96 -17.63 -6.40
CA GLN C 97 49.18 -18.59 -5.63
C GLN C 97 50.07 -19.52 -4.81
N GLY C 98 51.24 -19.89 -5.34
CA GLY C 98 52.17 -20.69 -4.59
C GLY C 98 52.62 -20.05 -3.28
N THR C 99 52.54 -18.74 -3.19
CA THR C 99 52.84 -18.02 -1.96
C THR C 99 51.59 -17.71 -1.13
N LEU C 100 50.47 -17.40 -1.78
CA LEU C 100 49.23 -17.13 -1.05
C LEU C 100 48.76 -18.37 -0.30
N PHE C 101 48.74 -19.52 -0.98
CA PHE C 101 48.29 -20.74 -0.32
C PHE C 101 49.29 -21.21 0.73
N GLU C 102 50.58 -20.94 0.52
CA GLU C 102 51.55 -21.21 1.58
C GLU C 102 51.30 -20.33 2.79
N LEU C 103 50.93 -19.07 2.56
CA LEU C 103 50.56 -18.17 3.66
C LEU C 103 49.35 -18.70 4.40
N ILE C 104 48.37 -19.24 3.68
CA ILE C 104 47.18 -19.79 4.32
C ILE C 104 47.55 -21.02 5.13
N LEU C 105 48.41 -21.88 4.58
CA LEU C 105 48.85 -23.06 5.31
C LEU C 105 49.68 -22.71 6.55
N ALA C 106 50.39 -21.58 6.52
CA ALA C 106 51.10 -21.10 7.69
C ALA C 106 50.15 -20.52 8.74
N ALA C 107 49.16 -19.74 8.30
CA ALA C 107 48.17 -19.19 9.21
C ALA C 107 47.31 -20.28 9.85
N ASN C 108 47.13 -21.41 9.17
CA ASN C 108 46.41 -22.52 9.78
C ASN C 108 47.27 -23.19 10.86
N TYR C 109 48.59 -23.18 10.67
CA TYR C 109 49.47 -23.81 11.66
C TYR C 109 49.66 -22.93 12.88
N LEU C 110 49.73 -21.62 12.69
CA LEU C 110 49.88 -20.68 13.79
C LEU C 110 48.55 -20.24 14.39
N ASP C 111 47.43 -20.60 13.77
CA ASP C 111 46.09 -20.33 14.29
C ASP C 111 45.85 -18.83 14.43
N ILE C 112 46.44 -18.05 13.53
CA ILE C 112 46.26 -16.60 13.51
C ILE C 112 44.93 -16.33 12.84
N LYS C 113 43.88 -16.13 13.65
CA LYS C 113 42.53 -16.06 13.13
C LYS C 113 42.34 -14.91 12.16
N GLY C 114 42.98 -13.76 12.43
CA GLY C 114 42.81 -12.62 11.54
C GLY C 114 43.38 -12.87 10.15
N LEU C 115 44.63 -13.35 10.09
CA LEU C 115 45.24 -13.62 8.80
C LEU C 115 44.54 -14.76 8.08
N LEU C 116 44.16 -15.81 8.81
CA LEU C 116 43.44 -16.92 8.19
C LEU C 116 42.13 -16.43 7.58
N ASP C 117 41.38 -15.61 8.33
CA ASP C 117 40.11 -15.10 7.82
C ASP C 117 40.29 -14.16 6.65
N VAL C 118 41.30 -13.28 6.66
CA VAL C 118 41.47 -12.37 5.54
C VAL C 118 41.95 -13.10 4.29
N THR C 119 42.77 -14.16 4.43
CA THR C 119 43.16 -14.93 3.26
C THR C 119 42.01 -15.78 2.73
N CYS C 120 41.17 -16.32 3.63
CA CYS C 120 39.96 -16.99 3.17
C CYS C 120 39.06 -16.04 2.41
N LYS C 121 38.93 -14.80 2.90
CA LYS C 121 38.15 -13.80 2.18
C LYS C 121 38.75 -13.52 0.81
N THR C 122 40.07 -13.41 0.72
CA THR C 122 40.71 -13.15 -0.57
C THR C 122 40.47 -14.29 -1.55
N VAL C 123 40.66 -15.52 -1.11
CA VAL C 123 40.49 -16.66 -2.00
C VAL C 123 39.04 -16.81 -2.42
N ALA C 124 38.10 -16.65 -1.49
CA ALA C 124 36.69 -16.70 -1.85
C ALA C 124 36.27 -15.53 -2.73
N ASN C 125 37.03 -14.43 -2.70
CA ASN C 125 36.82 -13.36 -3.66
C ASN C 125 37.34 -13.75 -5.03
N MET C 126 38.41 -14.54 -5.09
CA MET C 126 38.92 -15.05 -6.35
C MET C 126 37.97 -16.03 -7.02
N ILE C 127 36.92 -16.46 -6.34
CA ILE C 127 35.94 -17.40 -6.88
C ILE C 127 34.61 -16.74 -7.21
N LYS C 128 34.42 -15.49 -6.77
CA LYS C 128 33.15 -14.81 -6.98
C LYS C 128 32.85 -14.65 -8.47
N GLY C 129 31.70 -15.16 -8.91
CA GLY C 129 31.26 -14.99 -10.27
C GLY C 129 32.19 -15.57 -11.31
N LYS C 130 32.34 -16.90 -11.32
CA LYS C 130 33.18 -17.57 -12.31
C LYS C 130 32.55 -18.92 -12.65
N THR C 131 32.50 -19.21 -13.94
CA THR C 131 31.95 -20.47 -14.42
C THR C 131 32.84 -21.63 -13.97
N PRO C 132 32.24 -22.77 -13.60
CA PRO C 132 33.05 -23.92 -13.15
C PRO C 132 34.11 -24.38 -14.14
N GLU C 133 34.13 -23.84 -15.36
CA GLU C 133 35.16 -24.24 -16.32
C GLU C 133 36.47 -23.49 -16.08
N GLU C 134 36.40 -22.18 -15.86
CA GLU C 134 37.61 -21.39 -15.66
C GLU C 134 38.15 -21.44 -14.24
N ILE C 135 37.36 -21.94 -13.28
CA ILE C 135 37.92 -22.18 -11.94
C ILE C 135 39.10 -23.12 -12.03
N ARG C 136 38.96 -24.22 -12.79
CA ARG C 136 40.06 -25.15 -12.96
C ARG C 136 41.24 -24.51 -13.66
N LYS C 137 41.00 -23.53 -14.54
CA LYS C 137 42.10 -22.89 -15.26
C LYS C 137 42.86 -21.93 -14.36
N THR C 138 42.15 -21.17 -13.53
CA THR C 138 42.84 -20.23 -12.65
C THR C 138 43.53 -20.94 -11.49
N PHE C 139 42.86 -21.93 -10.88
CA PHE C 139 43.44 -22.66 -9.75
C PHE C 139 44.28 -23.85 -10.17
N ASN C 140 44.37 -24.14 -11.47
CA ASN C 140 45.16 -25.26 -11.99
C ASN C 140 44.71 -26.59 -11.38
N ILE C 141 43.46 -26.94 -11.65
CA ILE C 141 42.84 -28.15 -11.12
C ILE C 141 42.74 -29.19 -12.23
N LYS C 142 42.88 -30.45 -11.85
CA LYS C 142 42.73 -31.56 -12.78
C LYS C 142 41.28 -32.04 -12.77
N ASN C 143 40.68 -32.15 -13.95
CA ASN C 143 39.29 -32.59 -14.10
C ASN C 143 39.25 -34.10 -13.90
N ASP C 144 39.28 -34.52 -12.63
CA ASP C 144 39.27 -35.93 -12.28
C ASP C 144 37.85 -36.50 -12.27
N PHE C 145 37.13 -36.25 -13.35
CA PHE C 145 35.77 -36.75 -13.54
C PHE C 145 35.72 -37.81 -14.62
N THR C 146 34.76 -38.71 -14.48
CA THR C 146 34.36 -39.63 -15.55
C THR C 146 33.01 -39.18 -16.09
N GLU C 147 32.79 -39.46 -17.37
CA GLU C 147 31.61 -38.93 -18.05
C GLU C 147 30.32 -39.43 -17.41
N GLU C 148 30.34 -40.57 -16.73
CA GLU C 148 29.13 -41.06 -16.09
C GLU C 148 28.86 -40.34 -14.78
N GLU C 149 29.89 -39.79 -14.14
CA GLU C 149 29.71 -38.92 -12.98
C GLU C 149 29.66 -37.45 -13.35
N GLU C 150 30.48 -37.02 -14.31
CA GLU C 150 30.47 -35.62 -14.73
C GLU C 150 29.10 -35.20 -15.23
N ALA C 151 28.39 -36.10 -15.91
CA ALA C 151 27.03 -35.80 -16.34
C ALA C 151 26.03 -35.88 -15.20
N GLN C 152 26.36 -36.60 -14.14
CA GLN C 152 25.51 -36.64 -12.95
C GLN C 152 25.77 -35.47 -12.02
N VAL C 153 27.00 -34.97 -11.98
CA VAL C 153 27.30 -33.82 -11.14
C VAL C 153 26.80 -32.53 -11.79
N ARG C 154 26.96 -32.39 -13.11
CA ARG C 154 26.47 -31.19 -13.79
C ARG C 154 24.95 -31.12 -13.83
N LYS C 155 24.27 -32.26 -13.70
CA LYS C 155 22.81 -32.26 -13.79
C LYS C 155 22.16 -31.89 -12.47
N GLU C 156 22.83 -32.15 -11.36
CA GLU C 156 22.23 -31.92 -10.04
C GLU C 156 22.56 -30.55 -9.46
N ASN C 157 23.55 -29.84 -10.00
CA ASN C 157 23.86 -28.51 -9.50
C ASN C 157 23.14 -27.42 -10.28
N GLN C 158 21.83 -27.64 -10.50
CA GLN C 158 20.94 -26.64 -11.11
C GLN C 158 19.51 -27.18 -11.14
N TRP C 159 18.47 -26.36 -10.91
CA TRP C 159 18.37 -25.10 -10.14
C TRP C 159 19.48 -24.04 -10.08
N CYS C 160 20.03 -23.67 -11.22
CA CYS C 160 21.05 -22.62 -11.27
C CYS C 160 21.17 -22.06 -12.68
#